data_4U7K
#
_entry.id   4U7K
#
_cell.length_a   102.320
_cell.length_b   87.610
_cell.length_c   104.350
_cell.angle_alpha   90.000
_cell.angle_beta   116.040
_cell.angle_gamma   90.000
#
_symmetry.space_group_name_H-M   'C 1 2 1'
#
loop_
_entity.id
_entity.type
_entity.pdbx_description
1 polymer 'ColH protein'
2 non-polymer 'CALCIUM ION'
3 water water
#
_entity_poly.entity_id   1
_entity_poly.type   'polypeptide(L)'
_entity_poly.pdbx_seq_one_letter_code
;KNSLPYGKINGTYKGTEKEKIKFSSEGSFDPDGKIVSYEWDFGDGNKSNEENPEHSYDKVGTYTVKLKVTDDKGESSVST
TTAEIKD
;
_entity_poly.pdbx_strand_id   A,B,C,D,E,F,G,H
#
loop_
_chem_comp.id
_chem_comp.type
_chem_comp.name
_chem_comp.formula
CA non-polymer 'CALCIUM ION' 'Ca 2'
#
# COMPACT_ATOMS: atom_id res chain seq x y z
N ASN A 2 6.54 -15.50 -2.95
CA ASN A 2 5.17 -14.89 -2.94
C ASN A 2 4.79 -14.25 -4.28
N SER A 3 3.63 -14.60 -4.81
CA SER A 3 3.03 -13.84 -5.92
C SER A 3 2.33 -12.58 -5.41
N LEU A 4 2.64 -11.45 -6.03
CA LEU A 4 1.97 -10.22 -5.69
C LEU A 4 0.49 -10.35 -6.05
N PRO A 5 -0.38 -9.63 -5.32
CA PRO A 5 -1.80 -9.64 -5.69
C PRO A 5 -2.04 -8.82 -6.96
N TYR A 6 -3.15 -9.11 -7.65
CA TYR A 6 -3.64 -8.33 -8.77
C TYR A 6 -4.79 -7.43 -8.26
N GLY A 7 -4.62 -6.12 -8.34
CA GLY A 7 -5.75 -5.23 -8.06
C GLY A 7 -6.45 -4.95 -9.38
N LYS A 8 -7.78 -4.87 -9.33
CA LYS A 8 -8.56 -4.45 -10.49
C LYS A 8 -9.41 -3.25 -10.11
N ILE A 9 -9.08 -2.11 -10.72
CA ILE A 9 -9.62 -0.83 -10.27
C ILE A 9 -10.92 -0.43 -11.04
N ASN A 10 -11.16 -1.09 -12.17
CA ASN A 10 -12.42 -1.00 -12.93
C ASN A 10 -12.72 0.40 -13.46
N GLY A 11 -11.70 1.07 -14.00
CA GLY A 11 -11.89 2.40 -14.59
C GLY A 11 -12.34 2.29 -16.04
N THR A 12 -12.53 3.43 -16.72
CA THR A 12 -12.39 4.73 -16.11
C THR A 12 -13.73 5.10 -15.47
N TYR A 13 -13.75 6.18 -14.69
CA TYR A 13 -14.94 6.58 -13.97
C TYR A 13 -15.37 7.95 -14.47
N LYS A 14 -16.67 8.21 -14.43
CA LYS A 14 -17.23 9.48 -14.89
C LYS A 14 -18.32 9.88 -13.91
N GLY A 15 -18.52 11.18 -13.73
CA GLY A 15 -19.57 11.64 -12.86
C GLY A 15 -19.68 13.15 -12.94
N THR A 16 -20.62 13.72 -12.20
CA THR A 16 -20.72 15.18 -12.14
C THR A 16 -20.30 15.68 -10.75
N GLU A 17 -20.20 17.00 -10.56
CA GLU A 17 -19.87 17.55 -9.26
C GLU A 17 -20.83 17.07 -8.16
N LYS A 18 -20.26 16.57 -7.06
CA LYS A 18 -21.01 16.10 -5.90
C LYS A 18 -21.71 14.75 -6.07
N GLU A 19 -21.55 14.14 -7.24
CA GLU A 19 -22.09 12.80 -7.46
C GLU A 19 -21.23 11.76 -6.76
N LYS A 20 -21.89 10.93 -5.96
CA LYS A 20 -21.23 9.81 -5.28
C LYS A 20 -20.86 8.74 -6.31
N ILE A 21 -19.59 8.70 -6.70
CA ILE A 21 -19.12 7.69 -7.65
C ILE A 21 -18.89 6.38 -6.91
N LYS A 22 -19.49 5.31 -7.41
CA LYS A 22 -19.32 4.00 -6.79
C LYS A 22 -18.04 3.32 -7.32
N PHE A 23 -16.95 3.43 -6.57
CA PHE A 23 -15.68 2.79 -6.99
C PHE A 23 -15.74 1.30 -6.65
N SER A 24 -15.12 0.47 -7.49
CA SER A 24 -15.19 -0.99 -7.33
C SER A 24 -13.81 -1.60 -7.55
N SER A 25 -13.45 -2.51 -6.64
CA SER A 25 -12.23 -3.31 -6.74
C SER A 25 -12.57 -4.76 -7.14
N GLU A 26 -13.76 -4.96 -7.71
CA GLU A 26 -14.21 -6.27 -8.13
C GLU A 26 -13.26 -6.90 -9.14
N GLY A 27 -13.00 -8.19 -8.96
CA GLY A 27 -11.98 -8.88 -9.78
C GLY A 27 -10.54 -8.82 -9.30
N SER A 28 -10.28 -8.15 -8.19
CA SER A 28 -8.96 -8.21 -7.54
C SER A 28 -8.78 -9.60 -6.94
N PHE A 29 -7.57 -10.14 -7.01
CA PHE A 29 -7.32 -11.45 -6.40
C PHE A 29 -5.86 -11.64 -6.11
N ASP A 30 -5.56 -12.66 -5.31
CA ASP A 30 -4.19 -13.06 -5.03
C ASP A 30 -4.08 -14.54 -5.37
N PRO A 31 -3.18 -14.89 -6.29
CA PRO A 31 -3.10 -16.28 -6.76
C PRO A 31 -2.79 -17.25 -5.62
N ASP A 32 -1.96 -16.82 -4.67
CA ASP A 32 -1.44 -17.76 -3.66
C ASP A 32 -1.68 -17.25 -2.25
N GLY A 33 -2.79 -16.56 -2.06
CA GLY A 33 -3.25 -16.18 -0.72
C GLY A 33 -4.54 -15.38 -0.85
N LYS A 34 -4.65 -14.30 -0.10
CA LYS A 34 -5.84 -13.47 -0.20
C LYS A 34 -5.46 -12.01 -0.05
N ILE A 35 -6.25 -11.11 -0.66
CA ILE A 35 -6.06 -9.68 -0.40
C ILE A 35 -6.68 -9.31 0.92
N VAL A 36 -5.91 -8.65 1.79
CA VAL A 36 -6.39 -8.34 3.12
C VAL A 36 -6.67 -6.86 3.28
N SER A 37 -6.15 -6.03 2.38
CA SER A 37 -6.50 -4.63 2.44
C SER A 37 -6.58 -3.93 1.11
N TYR A 38 -7.44 -2.93 1.06
CA TYR A 38 -7.63 -2.12 -0.14
C TYR A 38 -7.40 -0.67 0.27
N GLU A 39 -6.52 0.03 -0.43
CA GLU A 39 -6.31 1.45 -0.14
C GLU A 39 -6.52 2.29 -1.39
N TRP A 40 -7.46 3.23 -1.34
CA TRP A 40 -7.80 4.05 -2.51
C TRP A 40 -7.24 5.44 -2.30
N ASP A 41 -6.71 6.03 -3.37
CA ASP A 41 -6.44 7.46 -3.36
C ASP A 41 -7.22 8.11 -4.49
N PHE A 42 -8.11 9.04 -4.17
CA PHE A 42 -9.06 9.54 -5.16
C PHE A 42 -8.50 10.68 -6.01
N GLY A 43 -7.25 11.07 -5.75
CA GLY A 43 -6.59 12.07 -6.59
C GLY A 43 -6.93 13.51 -6.25
N ASP A 44 -7.78 13.68 -5.24
CA ASP A 44 -8.16 15.03 -4.78
C ASP A 44 -7.63 15.26 -3.36
N GLY A 45 -6.68 14.41 -2.95
CA GLY A 45 -6.14 14.47 -1.59
C GLY A 45 -6.82 13.51 -0.61
N ASN A 46 -7.97 12.97 -1.00
CA ASN A 46 -8.74 12.08 -0.13
C ASN A 46 -8.37 10.61 -0.35
N LYS A 47 -8.49 9.81 0.69
CA LYS A 47 -8.22 8.37 0.61
C LYS A 47 -9.33 7.58 1.27
N SER A 48 -9.34 6.26 1.05
CA SER A 48 -10.29 5.38 1.74
C SER A 48 -9.68 4.00 1.87
N ASN A 49 -9.99 3.30 2.97
CA ASN A 49 -9.58 1.89 3.08
C ASN A 49 -10.74 0.90 2.88
N GLU A 50 -11.83 1.38 2.30
CA GLU A 50 -12.94 0.49 1.95
C GLU A 50 -12.64 -0.30 0.68
N GLU A 51 -13.21 -1.48 0.61
CA GLU A 51 -13.04 -2.34 -0.56
C GLU A 51 -13.70 -1.70 -1.80
N ASN A 52 -14.89 -1.13 -1.62
CA ASN A 52 -15.66 -0.53 -2.72
C ASN A 52 -16.24 0.82 -2.27
N PRO A 53 -15.40 1.87 -2.17
CA PRO A 53 -15.86 3.12 -1.56
C PRO A 53 -16.79 3.92 -2.49
N GLU A 54 -17.68 4.70 -1.90
CA GLU A 54 -18.38 5.74 -2.67
C GLU A 54 -17.75 7.08 -2.36
N HIS A 55 -17.44 7.88 -3.38
CA HIS A 55 -16.73 9.13 -3.14
C HIS A 55 -17.24 10.16 -4.14
N SER A 56 -17.48 11.38 -3.66
CA SER A 56 -17.87 12.46 -4.55
C SER A 56 -16.76 13.50 -4.64
N TYR A 57 -16.73 14.22 -5.76
CA TYR A 57 -15.72 15.22 -5.99
C TYR A 57 -16.43 16.56 -6.01
N ASP A 58 -15.89 17.53 -5.27
CA ASP A 58 -16.53 18.83 -5.13
C ASP A 58 -16.48 19.62 -6.44
N LYS A 59 -15.43 19.40 -7.22
CA LYS A 59 -15.15 20.26 -8.36
C LYS A 59 -14.86 19.46 -9.62
N VAL A 60 -15.28 20.01 -10.76
CA VAL A 60 -14.96 19.47 -12.08
C VAL A 60 -13.47 19.30 -12.23
N GLY A 61 -13.08 18.26 -12.97
CA GLY A 61 -11.68 17.95 -13.17
C GLY A 61 -11.50 16.52 -13.58
N THR A 62 -10.28 16.16 -13.93
CA THR A 62 -9.94 14.78 -14.16
C THR A 62 -8.93 14.33 -13.12
N TYR A 63 -9.34 13.37 -12.29
CA TYR A 63 -8.56 13.00 -11.12
C TYR A 63 -7.90 11.66 -11.37
N THR A 64 -6.65 11.53 -10.95
CA THR A 64 -5.99 10.23 -10.98
C THR A 64 -6.36 9.43 -9.73
N VAL A 65 -6.94 8.24 -9.96
CA VAL A 65 -7.40 7.38 -8.87
C VAL A 65 -6.43 6.20 -8.76
N LYS A 66 -5.98 5.90 -7.54
CA LYS A 66 -5.06 4.78 -7.35
C LYS A 66 -5.67 3.79 -6.39
N LEU A 67 -5.41 2.51 -6.66
CA LEU A 67 -5.87 1.43 -5.78
C LEU A 67 -4.65 0.59 -5.41
N LYS A 68 -4.31 0.56 -4.12
CA LYS A 68 -3.26 -0.31 -3.64
C LYS A 68 -3.85 -1.54 -2.92
N VAL A 69 -3.55 -2.74 -3.40
CA VAL A 69 -4.03 -3.93 -2.70
C VAL A 69 -2.85 -4.65 -2.05
N THR A 70 -3.08 -5.21 -0.84
CA THR A 70 -2.01 -5.84 -0.09
C THR A 70 -2.48 -7.22 0.31
N ASP A 71 -1.61 -8.21 0.13
CA ASP A 71 -1.97 -9.59 0.42
C ASP A 71 -1.61 -10.03 1.84
N ASP A 72 -1.84 -11.31 2.12
CA ASP A 72 -1.65 -11.81 3.46
C ASP A 72 -0.15 -11.92 3.81
N LYS A 73 0.74 -11.76 2.83
CA LYS A 73 2.19 -11.73 3.09
C LYS A 73 2.70 -10.32 3.30
N GLY A 74 1.81 -9.34 3.18
CA GLY A 74 2.19 -7.95 3.39
C GLY A 74 2.76 -7.30 2.15
N GLU A 75 2.60 -7.95 1.00
CA GLU A 75 3.09 -7.39 -0.27
C GLU A 75 1.96 -6.83 -1.13
N SER A 76 2.25 -5.74 -1.85
CA SER A 76 1.20 -4.93 -2.46
C SER A 76 1.46 -4.67 -3.94
N SER A 77 0.41 -4.24 -4.64
CA SER A 77 0.58 -3.77 -6.00
C SER A 77 -0.42 -2.64 -6.20
N VAL A 78 -0.14 -1.78 -7.17
CA VAL A 78 -0.93 -0.56 -7.34
C VAL A 78 -1.44 -0.47 -8.77
N SER A 79 -2.69 -0.08 -8.94
CA SER A 79 -3.16 0.22 -10.27
C SER A 79 -3.88 1.56 -10.28
N THR A 80 -3.99 2.16 -11.47
CA THR A 80 -4.47 3.53 -11.53
C THR A 80 -5.53 3.66 -12.63
N THR A 81 -6.38 4.67 -12.48
CA THR A 81 -7.25 5.03 -13.58
C THR A 81 -7.61 6.49 -13.40
N THR A 82 -8.57 6.97 -14.20
CA THR A 82 -9.03 8.34 -14.01
C THR A 82 -10.50 8.41 -13.63
N ALA A 83 -10.89 9.50 -12.99
CA ALA A 83 -12.29 9.85 -12.82
C ALA A 83 -12.50 11.21 -13.44
N GLU A 84 -13.36 11.27 -14.45
CA GLU A 84 -13.63 12.51 -15.15
C GLU A 84 -14.93 13.13 -14.64
N ILE A 85 -14.82 14.30 -14.02
CA ILE A 85 -15.96 14.92 -13.34
C ILE A 85 -16.30 16.19 -14.11
N LYS A 86 -17.52 16.20 -14.67
CA LYS A 86 -17.96 17.29 -15.54
C LYS A 86 -19.05 18.07 -14.83
N ASP A 87 -19.47 19.18 -15.43
CA ASP A 87 -20.59 19.95 -14.92
C ASP A 87 -21.78 19.07 -14.58
N ASN B 2 -20.66 -12.20 -19.54
CA ASN B 2 -20.08 -12.74 -18.26
C ASN B 2 -18.79 -13.52 -18.46
N SER B 3 -17.75 -13.09 -17.74
CA SER B 3 -16.52 -13.87 -17.65
C SER B 3 -16.71 -15.05 -16.68
N LEU B 4 -16.36 -16.26 -17.13
CA LEU B 4 -16.40 -17.42 -16.28
C LEU B 4 -15.38 -17.28 -15.15
N PRO B 5 -15.68 -17.87 -13.97
CA PRO B 5 -14.75 -17.80 -12.86
C PRO B 5 -13.56 -18.74 -13.12
N TYR B 6 -12.43 -18.41 -12.52
CA TYR B 6 -11.28 -19.30 -12.51
C TYR B 6 -11.31 -20.06 -11.18
N GLY B 7 -11.40 -21.38 -11.22
CA GLY B 7 -11.17 -22.17 -10.00
C GLY B 7 -9.70 -22.52 -9.91
N LYS B 8 -9.16 -22.55 -8.69
CA LYS B 8 -7.79 -23.03 -8.50
C LYS B 8 -7.82 -24.12 -7.43
N ILE B 9 -7.45 -25.34 -7.82
CA ILE B 9 -7.69 -26.50 -6.96
C ILE B 9 -6.41 -26.88 -6.16
N ASN B 10 -5.28 -26.30 -6.55
CA ASN B 10 -4.04 -26.41 -5.75
C ASN B 10 -3.62 -27.86 -5.53
N GLY B 11 -3.67 -28.68 -6.59
CA GLY B 11 -3.14 -30.05 -6.49
C GLY B 11 -1.65 -30.09 -6.72
N THR B 12 -1.04 -31.28 -6.76
CA THR B 12 -1.71 -32.54 -6.45
C THR B 12 -1.68 -32.74 -4.93
N TYR B 13 -2.48 -33.70 -4.46
CA TYR B 13 -2.61 -33.95 -3.03
C TYR B 13 -2.08 -35.35 -2.70
N LYS B 14 -1.52 -35.50 -1.51
CA LYS B 14 -0.97 -36.77 -1.05
C LYS B 14 -1.35 -36.96 0.40
N GLY B 15 -1.51 -38.21 0.82
CA GLY B 15 -1.65 -38.49 2.24
C GLY B 15 -1.75 -39.98 2.46
N THR B 16 -2.04 -40.36 3.69
CA THR B 16 -2.15 -41.79 3.99
C THR B 16 -3.60 -42.13 4.30
N GLU B 17 -3.87 -43.42 4.46
CA GLU B 17 -5.20 -43.88 4.83
C GLU B 17 -5.69 -43.22 6.13
N LYS B 18 -6.83 -42.53 6.03
CA LYS B 18 -7.51 -41.91 7.17
C LYS B 18 -6.92 -40.56 7.56
N GLU B 19 -5.95 -40.09 6.78
CA GLU B 19 -5.41 -38.76 6.99
C GLU B 19 -6.35 -37.69 6.41
N LYS B 20 -6.73 -36.74 7.24
CA LYS B 20 -7.47 -35.58 6.78
C LYS B 20 -6.59 -34.71 5.91
N ILE B 21 -6.87 -34.71 4.61
CA ILE B 21 -6.15 -33.86 3.67
C ILE B 21 -6.83 -32.51 3.61
N LYS B 22 -6.05 -31.44 3.68
CA LYS B 22 -6.61 -30.10 3.71
C LYS B 22 -6.68 -29.58 2.29
N PHE B 23 -7.86 -29.64 1.70
CA PHE B 23 -8.01 -29.22 0.30
C PHE B 23 -8.16 -27.72 0.30
N SER B 24 -7.67 -27.06 -0.75
CA SER B 24 -7.70 -25.60 -0.77
C SER B 24 -8.10 -25.08 -2.15
N SER B 25 -9.03 -24.12 -2.16
CA SER B 25 -9.41 -23.43 -3.39
C SER B 25 -8.81 -22.02 -3.42
N GLU B 26 -7.73 -21.83 -2.66
CA GLU B 26 -7.04 -20.53 -2.62
C GLU B 26 -6.60 -20.08 -4.02
N GLY B 27 -6.80 -18.79 -4.32
CA GLY B 27 -6.45 -18.25 -5.64
C GLY B 27 -7.56 -18.36 -6.69
N SER B 28 -8.71 -18.93 -6.31
CA SER B 28 -9.88 -18.94 -7.19
C SER B 28 -10.44 -17.51 -7.25
N PHE B 29 -10.90 -17.07 -8.41
CA PHE B 29 -11.43 -15.69 -8.51
C PHE B 29 -12.37 -15.57 -9.68
N ASP B 30 -13.09 -14.45 -9.70
CA ASP B 30 -13.94 -14.15 -10.84
C ASP B 30 -13.61 -12.73 -11.31
N PRO B 31 -13.22 -12.56 -12.58
CA PRO B 31 -12.74 -11.22 -12.98
C PRO B 31 -13.82 -10.15 -12.88
N ASP B 32 -15.07 -10.54 -13.12
CA ASP B 32 -16.14 -9.54 -13.20
C ASP B 32 -17.27 -9.84 -12.23
N GLY B 33 -16.95 -10.40 -11.07
CA GLY B 33 -17.99 -10.75 -10.10
C GLY B 33 -17.33 -11.44 -8.92
N LYS B 34 -18.04 -12.38 -8.31
CA LYS B 34 -17.48 -13.10 -7.19
C LYS B 34 -17.88 -14.55 -7.28
N ILE B 35 -17.04 -15.43 -6.78
CA ILE B 35 -17.44 -16.83 -6.68
C ILE B 35 -18.37 -17.02 -5.48
N VAL B 36 -19.53 -17.62 -5.71
CA VAL B 36 -20.51 -17.77 -4.63
C VAL B 36 -20.59 -19.21 -4.12
N SER B 37 -20.11 -20.17 -4.90
CA SER B 37 -20.10 -21.52 -4.38
C SER B 37 -18.94 -22.37 -4.86
N TYR B 38 -18.56 -23.30 -4.00
CA TYR B 38 -17.47 -24.24 -4.26
C TYR B 38 -18.01 -25.65 -4.08
N GLU B 39 -17.95 -26.46 -5.12
CA GLU B 39 -18.41 -27.85 -5.03
C GLU B 39 -17.29 -28.84 -5.33
N TRP B 40 -16.93 -29.64 -4.33
CA TRP B 40 -15.79 -30.55 -4.41
C TRP B 40 -16.33 -31.95 -4.60
N ASP B 41 -15.71 -32.71 -5.49
CA ASP B 41 -15.94 -34.14 -5.58
C ASP B 41 -14.61 -34.85 -5.35
N PHE B 42 -14.53 -35.62 -4.26
CA PHE B 42 -13.28 -36.21 -3.84
C PHE B 42 -12.89 -37.48 -4.58
N GLY B 43 -13.78 -37.98 -5.44
CA GLY B 43 -13.42 -39.07 -6.34
C GLY B 43 -13.63 -40.42 -5.71
N ASP B 44 -14.13 -40.40 -4.48
CA ASP B 44 -14.42 -41.64 -3.76
C ASP B 44 -15.90 -41.76 -3.48
N GLY B 45 -16.68 -40.88 -4.11
CA GLY B 45 -18.12 -40.84 -3.94
C GLY B 45 -18.58 -39.82 -2.94
N ASN B 46 -17.63 -39.18 -2.25
CA ASN B 46 -17.95 -38.11 -1.29
C ASN B 46 -17.81 -36.72 -1.89
N LYS B 47 -18.55 -35.77 -1.33
CA LYS B 47 -18.56 -34.40 -1.86
C LYS B 47 -18.41 -33.40 -0.71
N SER B 48 -18.13 -32.15 -1.03
CA SER B 48 -18.27 -31.08 -0.05
C SER B 48 -18.68 -29.80 -0.75
N ASN B 49 -19.35 -28.90 -0.02
CA ASN B 49 -19.54 -27.52 -0.50
C ASN B 49 -18.78 -26.49 0.29
N GLU B 50 -17.81 -26.94 1.08
CA GLU B 50 -16.93 -26.02 1.77
C GLU B 50 -15.93 -25.42 0.81
N GLU B 51 -15.51 -24.21 1.11
CA GLU B 51 -14.48 -23.55 0.34
C GLU B 51 -13.18 -24.37 0.40
N ASN B 52 -12.82 -24.77 1.62
CA ASN B 52 -11.53 -25.41 1.84
C ASN B 52 -11.72 -26.65 2.73
N PRO B 53 -12.25 -27.75 2.16
CA PRO B 53 -12.70 -28.85 3.02
C PRO B 53 -11.49 -29.69 3.50
N GLU B 54 -11.66 -30.37 4.62
CA GLU B 54 -10.73 -31.44 4.98
C GLU B 54 -11.45 -32.73 4.72
N HIS B 55 -10.77 -33.69 4.08
CA HIS B 55 -11.39 -34.95 3.75
C HIS B 55 -10.39 -36.07 3.89
N SER B 56 -10.80 -37.20 4.48
CA SER B 56 -9.92 -38.37 4.51
C SER B 56 -10.42 -39.49 3.61
N TYR B 57 -9.48 -40.27 3.11
CA TYR B 57 -9.79 -41.45 2.30
C TYR B 57 -9.59 -42.71 3.13
N ASP B 58 -10.57 -43.62 3.05
CA ASP B 58 -10.53 -44.88 3.81
C ASP B 58 -9.43 -45.80 3.31
N LYS B 59 -9.27 -45.83 1.98
CA LYS B 59 -8.45 -46.83 1.32
C LYS B 59 -7.42 -46.20 0.39
N VAL B 60 -6.24 -46.81 0.36
CA VAL B 60 -5.19 -46.43 -0.58
C VAL B 60 -5.71 -46.39 -2.00
N GLY B 61 -5.11 -45.53 -2.80
CA GLY B 61 -5.45 -45.45 -4.21
C GLY B 61 -5.19 -44.05 -4.71
N THR B 62 -5.42 -43.84 -5.99
CA THR B 62 -5.31 -42.51 -6.56
C THR B 62 -6.66 -42.01 -7.02
N TYR B 63 -7.13 -40.91 -6.43
CA TYR B 63 -8.50 -40.44 -6.67
C TYR B 63 -8.48 -39.16 -7.50
N THR B 64 -9.46 -39.03 -8.40
CA THR B 64 -9.64 -37.80 -9.16
C THR B 64 -10.51 -36.83 -8.37
N VAL B 65 -9.95 -35.68 -8.06
CA VAL B 65 -10.63 -34.68 -7.28
C VAL B 65 -11.09 -33.59 -8.25
N LYS B 66 -12.35 -33.18 -8.16
CA LYS B 66 -12.86 -32.09 -8.98
C LYS B 66 -13.31 -30.94 -8.10
N LEU B 67 -13.10 -29.73 -8.61
CA LEU B 67 -13.62 -28.51 -7.97
C LEU B 67 -14.45 -27.75 -8.99
N LYS B 68 -15.73 -27.54 -8.69
CA LYS B 68 -16.58 -26.66 -9.53
C LYS B 68 -16.85 -25.33 -8.80
N VAL B 69 -16.52 -24.21 -9.42
CA VAL B 69 -16.78 -22.91 -8.82
C VAL B 69 -17.84 -22.21 -9.63
N THR B 70 -18.78 -21.56 -8.94
CA THR B 70 -19.89 -20.90 -9.61
C THR B 70 -19.92 -19.44 -9.19
N ASP B 71 -20.07 -18.56 -10.16
CA ASP B 71 -20.09 -17.15 -9.87
C ASP B 71 -21.50 -16.60 -9.64
N ASP B 72 -21.57 -15.28 -9.48
CA ASP B 72 -22.80 -14.63 -9.04
C ASP B 72 -23.80 -14.54 -10.21
N LYS B 73 -23.34 -14.88 -11.42
CA LYS B 73 -24.23 -14.99 -12.58
C LYS B 73 -24.69 -16.42 -12.80
N GLY B 74 -24.29 -17.31 -11.90
CA GLY B 74 -24.77 -18.69 -11.97
C GLY B 74 -24.00 -19.51 -12.99
N GLU B 75 -22.84 -19.02 -13.40
CA GLU B 75 -22.02 -19.77 -14.36
C GLU B 75 -20.75 -20.37 -13.73
N SER B 76 -20.36 -21.57 -14.19
CA SER B 76 -19.37 -22.37 -13.49
C SER B 76 -18.18 -22.74 -14.36
N SER B 77 -17.11 -23.17 -13.71
CA SER B 77 -16.00 -23.82 -14.41
C SER B 77 -15.44 -24.89 -13.49
N VAL B 78 -14.82 -25.91 -14.07
CA VAL B 78 -14.37 -27.08 -13.32
C VAL B 78 -12.86 -27.27 -13.51
N SER B 79 -12.16 -27.54 -12.42
CA SER B 79 -10.77 -27.97 -12.54
C SER B 79 -10.56 -29.26 -11.80
N THR B 80 -9.49 -29.97 -12.10
CA THR B 80 -9.30 -31.28 -11.51
C THR B 80 -7.87 -31.49 -11.05
N THR B 81 -7.69 -32.44 -10.15
CA THR B 81 -6.35 -32.88 -9.81
C THR B 81 -6.47 -34.27 -9.21
N THR B 82 -5.38 -34.79 -8.65
CA THR B 82 -5.45 -36.12 -8.04
C THR B 82 -5.10 -36.07 -6.57
N ALA B 83 -5.63 -37.03 -5.81
CA ALA B 83 -5.18 -37.24 -4.43
C ALA B 83 -4.61 -38.65 -4.34
N GLU B 84 -3.30 -38.75 -4.05
CA GLU B 84 -2.64 -40.04 -3.96
C GLU B 84 -2.54 -40.50 -2.52
N ILE B 85 -3.19 -41.62 -2.22
CA ILE B 85 -3.32 -42.09 -0.85
C ILE B 85 -2.54 -43.40 -0.67
N LYS B 86 -1.48 -43.34 0.14
CA LYS B 86 -0.57 -44.46 0.33
C LYS B 86 -0.78 -45.13 1.68
N ASP B 87 -0.07 -46.22 1.94
CA ASP B 87 -0.06 -46.86 3.25
C ASP B 87 0.29 -45.86 4.35
N ASN C 2 6.70 -21.69 -6.60
CA ASN C 2 6.04 -21.52 -7.95
C ASN C 2 4.52 -21.48 -7.87
N SER C 3 3.92 -20.47 -8.49
CA SER C 3 2.47 -20.48 -8.71
C SER C 3 2.07 -21.35 -9.90
N LEU C 4 1.13 -22.27 -9.67
CA LEU C 4 0.58 -23.04 -10.77
C LEU C 4 -0.07 -22.13 -11.83
N PRO C 5 -0.02 -22.52 -13.11
CA PRO C 5 -0.73 -21.76 -14.13
C PRO C 5 -2.24 -21.96 -14.04
N TYR C 6 -3.00 -21.00 -14.57
CA TYR C 6 -4.46 -21.10 -14.64
C TYR C 6 -4.78 -21.46 -16.07
N GLY C 7 -5.43 -22.61 -16.29
CA GLY C 7 -5.98 -22.94 -17.60
C GLY C 7 -7.43 -22.48 -17.70
N LYS C 8 -7.78 -21.91 -18.84
CA LYS C 8 -9.17 -21.52 -19.08
C LYS C 8 -9.67 -22.24 -20.33
N ILE C 9 -10.64 -23.11 -20.15
CA ILE C 9 -11.06 -24.02 -21.21
C ILE C 9 -12.29 -23.52 -22.00
N ASN C 10 -12.97 -22.50 -21.48
CA ASN C 10 -14.00 -21.76 -22.22
C ASN C 10 -15.10 -22.71 -22.71
N GLY C 11 -15.54 -23.61 -21.83
CA GLY C 11 -16.73 -24.44 -22.13
C GLY C 11 -18.01 -23.72 -21.72
N THR C 12 -19.15 -24.40 -21.86
CA THR C 12 -19.21 -25.71 -22.50
C THR C 12 -19.26 -25.55 -24.03
N TYR C 13 -19.06 -26.65 -24.75
CA TYR C 13 -19.07 -26.64 -26.21
C TYR C 13 -20.25 -27.45 -26.75
N LYS C 14 -20.72 -27.05 -27.93
CA LYS C 14 -21.85 -27.67 -28.58
C LYS C 14 -21.53 -27.76 -30.06
N GLY C 15 -22.06 -28.79 -30.71
CA GLY C 15 -22.00 -28.85 -32.16
C GLY C 15 -22.71 -30.08 -32.67
N THR C 16 -22.62 -30.33 -33.96
CA THR C 16 -23.27 -31.49 -34.52
C THR C 16 -22.20 -32.45 -35.02
N GLU C 17 -22.61 -33.64 -35.45
CA GLU C 17 -21.68 -34.64 -35.96
C GLU C 17 -20.85 -34.06 -37.11
N LYS C 18 -19.53 -34.28 -37.03
CA LYS C 18 -18.57 -33.85 -38.05
C LYS C 18 -18.36 -32.33 -38.14
N GLU C 19 -19.03 -31.58 -37.27
CA GLU C 19 -18.73 -30.16 -37.15
C GLU C 19 -17.37 -29.94 -36.48
N LYS C 20 -16.54 -29.10 -37.09
CA LYS C 20 -15.30 -28.66 -36.46
C LYS C 20 -15.60 -27.67 -35.36
N ILE C 21 -15.49 -28.12 -34.11
CA ILE C 21 -15.66 -27.24 -32.97
C ILE C 21 -14.38 -26.47 -32.66
N LYS C 22 -14.51 -25.16 -32.49
CA LYS C 22 -13.33 -24.33 -32.30
C LYS C 22 -13.04 -24.23 -30.81
N PHE C 23 -12.09 -25.03 -30.33
CA PHE C 23 -11.76 -25.01 -28.90
C PHE C 23 -10.83 -23.85 -28.61
N SER C 24 -10.97 -23.26 -27.42
CA SER C 24 -10.14 -22.11 -27.09
C SER C 24 -9.59 -22.20 -25.67
N SER C 25 -8.30 -21.92 -25.53
CA SER C 25 -7.64 -21.77 -24.23
C SER C 25 -7.43 -20.27 -23.88
N GLU C 26 -8.16 -19.41 -24.56
CA GLU C 26 -8.08 -17.97 -24.32
C GLU C 26 -8.28 -17.65 -22.84
N GLY C 27 -7.45 -16.73 -22.33
CA GLY C 27 -7.46 -16.38 -20.89
C GLY C 27 -6.68 -17.29 -19.95
N SER C 28 -5.98 -18.28 -20.50
CA SER C 28 -5.05 -19.08 -19.67
C SER C 28 -3.82 -18.23 -19.37
N PHE C 29 -3.30 -18.29 -18.17
CA PHE C 29 -2.11 -17.50 -17.85
C PHE C 29 -1.33 -18.14 -16.73
N ASP C 30 -0.11 -17.66 -16.52
CA ASP C 30 0.69 -18.02 -15.34
C ASP C 30 1.10 -16.73 -14.65
N PRO C 31 0.85 -16.62 -13.34
CA PRO C 31 1.09 -15.35 -12.66
C PRO C 31 2.59 -15.00 -12.64
N ASP C 32 3.43 -16.03 -12.53
CA ASP C 32 4.85 -15.80 -12.28
C ASP C 32 5.72 -16.50 -13.31
N GLY C 33 5.21 -16.62 -14.53
CA GLY C 33 6.01 -17.18 -15.61
C GLY C 33 5.20 -17.17 -16.89
N LYS C 34 5.30 -18.26 -17.66
CA LYS C 34 4.53 -18.37 -18.89
C LYS C 34 4.10 -19.81 -19.07
N ILE C 35 2.93 -20.00 -19.70
CA ILE C 35 2.50 -21.33 -20.14
C ILE C 35 3.26 -21.75 -21.39
N VAL C 36 3.95 -22.88 -21.30
CA VAL C 36 4.77 -23.33 -22.41
C VAL C 36 4.11 -24.45 -23.21
N SER C 37 3.11 -25.10 -22.64
CA SER C 37 2.42 -26.13 -23.39
C SER C 37 0.95 -26.27 -23.05
N TYR C 38 0.17 -26.65 -24.05
CA TYR C 38 -1.27 -26.83 -23.93
C TYR C 38 -1.56 -28.24 -24.41
N GLU C 39 -2.20 -29.04 -23.58
CA GLU C 39 -2.50 -30.41 -23.97
C GLU C 39 -3.99 -30.67 -23.85
N TRP C 40 -4.65 -30.93 -24.98
CA TRP C 40 -6.10 -31.14 -24.98
C TRP C 40 -6.39 -32.63 -25.09
N ASP C 41 -7.43 -33.08 -24.41
CA ASP C 41 -7.92 -34.42 -24.62
C ASP C 41 -9.42 -34.30 -24.85
N PHE C 42 -9.87 -34.66 -26.07
CA PHE C 42 -11.20 -34.29 -26.53
C PHE C 42 -12.25 -35.28 -26.03
N GLY C 43 -11.79 -36.32 -25.33
CA GLY C 43 -12.70 -37.30 -24.73
C GLY C 43 -13.19 -38.41 -25.67
N ASP C 44 -12.72 -38.40 -26.90
CA ASP C 44 -13.10 -39.44 -27.85
C ASP C 44 -11.89 -40.31 -28.19
N GLY C 45 -10.83 -40.15 -27.39
CA GLY C 45 -9.55 -40.81 -27.64
C GLY C 45 -8.61 -40.03 -28.54
N ASN C 46 -8.95 -38.77 -28.82
CA ASN C 46 -8.08 -37.92 -29.63
C ASN C 46 -7.52 -36.81 -28.75
N LYS C 47 -6.41 -36.21 -29.18
CA LYS C 47 -5.70 -35.27 -28.34
C LYS C 47 -5.14 -34.19 -29.25
N SER C 48 -4.70 -33.10 -28.65
CA SER C 48 -4.02 -32.06 -29.40
C SER C 48 -3.02 -31.35 -28.51
N ASN C 49 -1.98 -30.81 -29.11
CA ASN C 49 -1.06 -29.93 -28.39
C ASN C 49 -1.11 -28.53 -28.93
N GLU C 50 -2.15 -28.24 -29.70
CA GLU C 50 -2.40 -26.87 -30.13
C GLU C 50 -2.99 -26.01 -29.02
N GLU C 51 -2.68 -24.72 -29.08
CA GLU C 51 -3.29 -23.79 -28.16
C GLU C 51 -4.82 -23.72 -28.32
N ASN C 52 -5.28 -23.57 -29.56
CA ASN C 52 -6.73 -23.46 -29.86
C ASN C 52 -7.16 -24.40 -30.99
N PRO C 53 -7.25 -25.70 -30.70
CA PRO C 53 -7.47 -26.69 -31.76
C PRO C 53 -8.91 -26.64 -32.30
N GLU C 54 -9.09 -27.02 -33.57
CA GLU C 54 -10.43 -27.34 -34.09
C GLU C 54 -10.53 -28.84 -34.18
N HIS C 55 -11.60 -29.38 -33.61
CA HIS C 55 -11.79 -30.83 -33.59
C HIS C 55 -13.26 -31.14 -33.88
N SER C 56 -13.48 -32.20 -34.64
CA SER C 56 -14.84 -32.66 -34.90
C SER C 56 -15.05 -34.05 -34.32
N TYR C 57 -16.30 -34.32 -33.94
CA TYR C 57 -16.65 -35.59 -33.36
C TYR C 57 -17.48 -36.39 -34.37
N ASP C 58 -17.07 -37.62 -34.60
CA ASP C 58 -17.76 -38.50 -35.54
C ASP C 58 -19.22 -38.77 -35.16
N LYS C 59 -19.47 -38.89 -33.86
CA LYS C 59 -20.71 -39.49 -33.39
C LYS C 59 -21.35 -38.63 -32.30
N VAL C 60 -22.67 -38.50 -32.33
CA VAL C 60 -23.39 -37.85 -31.24
C VAL C 60 -22.96 -38.39 -29.88
N GLY C 61 -23.08 -37.54 -28.86
CA GLY C 61 -22.80 -37.94 -27.49
C GLY C 61 -22.30 -36.73 -26.72
N THR C 62 -22.03 -36.93 -25.43
CA THR C 62 -21.46 -35.86 -24.60
C THR C 62 -20.09 -36.27 -24.15
N TYR C 63 -19.07 -35.49 -24.53
CA TYR C 63 -17.71 -35.88 -24.29
C TYR C 63 -17.12 -34.98 -23.21
N THR C 64 -16.20 -35.54 -22.44
CA THR C 64 -15.49 -34.77 -21.45
C THR C 64 -14.20 -34.34 -22.06
N VAL C 65 -13.99 -33.03 -22.09
CA VAL C 65 -12.82 -32.42 -22.72
C VAL C 65 -11.93 -31.92 -21.59
N LYS C 66 -10.63 -32.23 -21.67
CA LYS C 66 -9.70 -31.77 -20.65
C LYS C 66 -8.66 -30.87 -21.28
N LEU C 67 -8.21 -29.87 -20.53
CA LEU C 67 -7.10 -29.04 -20.97
C LEU C 67 -6.08 -29.03 -19.85
N LYS C 68 -4.89 -29.55 -20.12
CA LYS C 68 -3.76 -29.41 -19.19
C LYS C 68 -2.81 -28.30 -19.66
N VAL C 69 -2.53 -27.33 -18.79
CA VAL C 69 -1.53 -26.31 -19.14
C VAL C 69 -0.30 -26.49 -18.26
N THR C 70 0.87 -26.32 -18.86
CA THR C 70 2.14 -26.46 -18.12
C THR C 70 2.99 -25.20 -18.26
N ASP C 71 3.57 -24.75 -17.14
CA ASP C 71 4.34 -23.52 -17.10
C ASP C 71 5.83 -23.80 -17.23
N ASP C 72 6.61 -22.73 -17.24
CA ASP C 72 8.05 -22.81 -17.52
C ASP C 72 8.78 -23.50 -16.38
N LYS C 73 8.13 -23.68 -15.23
CA LYS C 73 8.72 -24.46 -14.13
C LYS C 73 8.33 -25.92 -14.20
N GLY C 74 7.61 -26.31 -15.25
CA GLY C 74 7.26 -27.71 -15.47
C GLY C 74 6.08 -28.19 -14.64
N GLU C 75 5.33 -27.26 -14.08
CA GLU C 75 4.16 -27.62 -13.27
C GLU C 75 2.84 -27.30 -13.95
N SER C 76 1.83 -28.12 -13.70
CA SER C 76 0.65 -28.07 -14.56
C SER C 76 -0.68 -28.00 -13.77
N SER C 77 -1.73 -27.58 -14.43
CA SER C 77 -3.05 -27.70 -13.85
C SER C 77 -4.02 -28.09 -14.95
N VAL C 78 -5.18 -28.62 -14.55
CA VAL C 78 -6.06 -29.26 -15.53
C VAL C 78 -7.47 -28.72 -15.32
N SER C 79 -8.12 -28.32 -16.40
CA SER C 79 -9.52 -27.92 -16.29
C SER C 79 -10.32 -28.76 -17.27
N THR C 80 -11.62 -28.83 -17.06
CA THR C 80 -12.45 -29.71 -17.87
C THR C 80 -13.75 -29.02 -18.20
N THR C 81 -14.43 -29.57 -19.21
CA THR C 81 -15.76 -29.15 -19.52
C THR C 81 -16.38 -30.28 -20.35
N THR C 82 -17.54 -30.02 -20.96
CA THR C 82 -18.14 -31.01 -21.84
C THR C 82 -18.29 -30.47 -23.25
N ALA C 83 -18.29 -31.38 -24.23
CA ALA C 83 -18.77 -31.09 -25.57
C ALA C 83 -20.00 -31.92 -25.89
N GLU C 84 -21.12 -31.23 -26.09
CA GLU C 84 -22.36 -31.87 -26.46
C GLU C 84 -22.58 -31.92 -27.98
N ILE C 85 -22.62 -33.13 -28.53
CA ILE C 85 -22.65 -33.32 -29.98
C ILE C 85 -23.99 -33.96 -30.34
N LYS C 86 -24.83 -33.19 -31.03
CA LYS C 86 -26.18 -33.61 -31.40
C LYS C 86 -26.24 -33.98 -32.88
N ASP C 87 -27.39 -34.53 -33.30
CA ASP C 87 -27.67 -34.74 -34.72
C ASP C 87 -27.38 -33.51 -35.55
N ASN D 2 -16.67 -6.60 -22.73
CA ASN D 2 -15.19 -6.86 -22.66
C ASN D 2 -14.65 -6.76 -21.23
N SER D 3 -13.92 -7.78 -20.79
CA SER D 3 -13.03 -7.65 -19.64
C SER D 3 -11.76 -6.83 -19.94
N LEU D 4 -11.44 -5.89 -19.04
CA LEU D 4 -10.17 -5.21 -19.12
C LEU D 4 -9.03 -6.20 -18.82
N PRO D 5 -7.88 -5.98 -19.44
CA PRO D 5 -6.72 -6.81 -19.14
C PRO D 5 -6.13 -6.49 -17.77
N TYR D 6 -5.42 -7.45 -17.18
CA TYR D 6 -4.66 -7.24 -15.96
C TYR D 6 -3.21 -7.01 -16.35
N GLY D 7 -2.67 -5.85 -16.00
CA GLY D 7 -1.23 -5.64 -16.16
C GLY D 7 -0.54 -6.00 -14.86
N LYS D 8 0.64 -6.62 -14.96
CA LYS D 8 1.40 -6.94 -13.74
C LYS D 8 2.80 -6.36 -13.91
N ILE D 9 3.12 -5.37 -13.10
CA ILE D 9 4.29 -4.53 -13.35
C ILE D 9 5.51 -5.05 -12.58
N ASN D 10 5.29 -5.95 -11.63
CA ASN D 10 6.36 -6.63 -10.91
C ASN D 10 7.33 -5.68 -10.19
N GLY D 11 6.80 -4.68 -9.49
CA GLY D 11 7.64 -3.72 -8.71
C GLY D 11 7.93 -4.29 -7.33
N THR D 12 8.60 -3.53 -6.46
CA THR D 12 9.24 -2.28 -6.81
C THR D 12 10.61 -2.59 -7.44
N TYR D 13 11.21 -1.57 -8.03
CA TYR D 13 12.48 -1.74 -8.70
C TYR D 13 13.54 -0.91 -7.97
N LYS D 14 14.77 -1.43 -7.90
CA LYS D 14 15.88 -0.74 -7.25
C LYS D 14 17.10 -0.84 -8.14
N GLY D 15 17.95 0.19 -8.13
CA GLY D 15 19.26 0.05 -8.75
C GLY D 15 20.07 1.30 -8.59
N THR D 16 21.23 1.34 -9.22
CA THR D 16 22.10 2.49 -9.10
C THR D 16 22.10 3.30 -10.39
N GLU D 17 22.66 4.51 -10.37
CA GLU D 17 22.79 5.30 -11.58
C GLU D 17 23.46 4.46 -12.68
N LYS D 18 22.89 4.53 -13.88
CA LYS D 18 23.41 3.85 -15.08
C LYS D 18 23.26 2.35 -15.08
N GLU D 19 22.71 1.78 -14.01
CA GLU D 19 22.39 0.36 -14.03
C GLU D 19 21.20 0.07 -14.93
N LYS D 20 21.34 -0.94 -15.79
CA LYS D 20 20.22 -1.41 -16.61
C LYS D 20 19.26 -2.22 -15.76
N ILE D 21 18.14 -1.62 -15.39
CA ILE D 21 17.11 -2.33 -14.67
C ILE D 21 16.24 -3.17 -15.61
N LYS D 22 16.05 -4.44 -15.26
CA LYS D 22 15.28 -5.35 -16.09
C LYS D 22 13.81 -5.29 -15.68
N PHE D 23 13.02 -4.54 -16.44
CA PHE D 23 11.59 -4.39 -16.14
C PHE D 23 10.84 -5.58 -16.73
N SER D 24 9.80 -6.04 -16.03
CA SER D 24 9.08 -7.25 -16.45
C SER D 24 7.57 -7.07 -16.32
N SER D 25 6.85 -7.45 -17.37
CA SER D 25 5.38 -7.46 -17.36
C SER D 25 4.88 -8.89 -17.19
N GLU D 26 5.75 -9.77 -16.70
CA GLU D 26 5.40 -11.17 -16.53
C GLU D 26 4.15 -11.34 -15.65
N GLY D 27 3.21 -12.17 -16.11
CA GLY D 27 1.97 -12.40 -15.36
C GLY D 27 0.82 -11.50 -15.80
N SER D 28 1.06 -10.64 -16.78
CA SER D 28 -0.03 -9.84 -17.33
C SER D 28 -0.91 -10.75 -18.17
N PHE D 29 -2.23 -10.56 -18.12
CA PHE D 29 -3.10 -11.39 -18.96
C PHE D 29 -4.43 -10.70 -19.25
N ASP D 30 -5.14 -11.22 -20.24
CA ASP D 30 -6.51 -10.80 -20.50
C ASP D 30 -7.41 -12.02 -20.39
N PRO D 31 -8.45 -11.95 -19.54
CA PRO D 31 -9.31 -13.13 -19.34
C PRO D 31 -10.04 -13.57 -20.61
N ASP D 32 -10.42 -12.62 -21.46
CA ASP D 32 -11.27 -12.94 -22.62
C ASP D 32 -10.66 -12.41 -23.90
N GLY D 33 -9.33 -12.36 -23.97
CA GLY D 33 -8.66 -12.08 -25.22
C GLY D 33 -7.16 -12.14 -25.03
N LYS D 34 -6.44 -11.19 -25.61
CA LYS D 34 -5.00 -11.20 -25.46
C LYS D 34 -4.52 -9.76 -25.36
N ILE D 35 -3.48 -9.54 -24.57
CA ILE D 35 -2.80 -8.24 -24.56
C ILE D 35 -1.98 -8.05 -25.84
N VAL D 36 -2.28 -6.98 -26.57
CA VAL D 36 -1.63 -6.75 -27.85
C VAL D 36 -0.57 -5.67 -27.75
N SER D 37 -0.56 -4.91 -26.65
CA SER D 37 0.53 -3.95 -26.52
C SER D 37 0.85 -3.58 -25.09
N TYR D 38 2.13 -3.27 -24.87
CA TYR D 38 2.66 -2.93 -23.56
C TYR D 38 3.35 -1.58 -23.72
N GLU D 39 2.96 -0.62 -22.90
CA GLU D 39 3.57 0.70 -23.00
C GLU D 39 4.10 1.09 -21.62
N TRP D 40 5.41 1.29 -21.54
CA TRP D 40 6.05 1.64 -20.27
C TRP D 40 6.33 3.14 -20.26
N ASP D 41 6.19 3.77 -19.09
CA ASP D 41 6.68 5.12 -18.89
C ASP D 41 7.58 5.07 -17.63
N PHE D 42 8.89 5.30 -17.80
CA PHE D 42 9.86 5.07 -16.73
C PHE D 42 9.92 6.24 -15.74
N GLY D 43 9.14 7.29 -16.02
CA GLY D 43 8.99 8.42 -15.08
C GLY D 43 10.13 9.41 -15.14
N ASP D 44 11.02 9.22 -16.11
CA ASP D 44 12.14 10.15 -16.33
C ASP D 44 12.03 10.82 -17.69
N GLY D 45 10.86 10.73 -18.33
CA GLY D 45 10.71 11.28 -19.68
C GLY D 45 10.91 10.27 -20.80
N ASN D 46 11.28 9.04 -20.44
CA ASN D 46 11.55 7.98 -21.41
C ASN D 46 10.44 6.93 -21.36
N LYS D 47 10.20 6.27 -22.49
CA LYS D 47 9.09 5.33 -22.61
C LYS D 47 9.61 4.11 -23.35
N SER D 48 8.85 3.01 -23.35
CA SER D 48 9.17 1.88 -24.19
C SER D 48 7.91 1.14 -24.61
N ASN D 49 7.95 0.48 -25.75
CA ASN D 49 6.85 -0.42 -26.12
C ASN D 49 7.26 -1.87 -26.08
N GLU D 50 8.37 -2.16 -25.43
CA GLU D 50 8.79 -3.56 -25.27
C GLU D 50 7.99 -4.21 -24.14
N GLU D 51 7.77 -5.50 -24.26
CA GLU D 51 7.12 -6.28 -23.23
C GLU D 51 7.92 -6.27 -21.93
N ASN D 52 9.24 -6.46 -22.05
CA ASN D 52 10.12 -6.51 -20.88
C ASN D 52 11.38 -5.68 -21.10
N PRO D 53 11.26 -4.35 -21.02
CA PRO D 53 12.38 -3.49 -21.45
C PRO D 53 13.48 -3.49 -20.38
N GLU D 54 14.73 -3.23 -20.80
CA GLU D 54 15.78 -2.85 -19.86
C GLU D 54 15.97 -1.34 -19.96
N HIS D 55 16.09 -0.68 -18.81
CA HIS D 55 16.21 0.77 -18.86
C HIS D 55 17.14 1.21 -17.75
N SER D 56 18.00 2.19 -18.02
CA SER D 56 18.81 2.77 -16.95
C SER D 56 18.44 4.22 -16.71
N TYR D 57 18.66 4.67 -15.47
CA TYR D 57 18.42 6.05 -15.09
C TYR D 57 19.74 6.78 -14.91
N ASP D 58 19.80 7.99 -15.44
CA ASP D 58 21.03 8.76 -15.41
C ASP D 58 21.35 9.25 -14.01
N LYS D 59 20.31 9.53 -13.23
CA LYS D 59 20.46 10.25 -11.97
C LYS D 59 19.69 9.57 -10.84
N VAL D 60 20.24 9.66 -9.63
CA VAL D 60 19.53 9.13 -8.46
C VAL D 60 18.17 9.79 -8.34
N GLY D 61 17.23 9.07 -7.73
CA GLY D 61 15.94 9.63 -7.40
C GLY D 61 14.94 8.50 -7.30
N THR D 62 13.71 8.82 -6.95
CA THR D 62 12.65 7.82 -6.97
C THR D 62 11.69 8.15 -8.10
N TYR D 63 11.50 7.22 -9.02
CA TYR D 63 10.73 7.49 -10.22
C TYR D 63 9.44 6.69 -10.18
N THR D 64 8.36 7.27 -10.71
CA THR D 64 7.13 6.51 -10.88
C THR D 64 7.11 5.87 -12.24
N VAL D 65 6.99 4.54 -12.25
CA VAL D 65 6.96 3.75 -13.46
C VAL D 65 5.51 3.32 -13.72
N LYS D 66 5.04 3.50 -14.96
CA LYS D 66 3.70 3.08 -15.33
C LYS D 66 3.78 2.05 -16.43
N LEU D 67 2.88 1.08 -16.36
CA LEU D 67 2.71 0.11 -17.45
C LEU D 67 1.25 0.14 -17.87
N LYS D 68 1.00 0.45 -19.16
CA LYS D 68 -0.34 0.39 -19.74
C LYS D 68 -0.42 -0.79 -20.70
N VAL D 69 -1.32 -1.71 -20.42
CA VAL D 69 -1.55 -2.86 -21.29
C VAL D 69 -2.89 -2.70 -22.00
N THR D 70 -2.89 -3.01 -23.29
CA THR D 70 -4.10 -2.85 -24.10
C THR D 70 -4.43 -4.18 -24.76
N ASP D 71 -5.69 -4.57 -24.67
CA ASP D 71 -6.14 -5.83 -25.22
C ASP D 71 -6.62 -5.72 -26.67
N ASP D 72 -7.02 -6.85 -27.23
CA ASP D 72 -7.43 -6.93 -28.62
C ASP D 72 -8.73 -6.16 -28.89
N LYS D 73 -9.49 -5.81 -27.85
CA LYS D 73 -10.66 -4.92 -28.02
C LYS D 73 -10.31 -3.45 -27.92
N GLY D 74 -9.02 -3.16 -27.76
CA GLY D 74 -8.56 -1.78 -27.76
C GLY D 74 -8.78 -1.11 -26.41
N GLU D 75 -9.04 -1.90 -25.37
CA GLU D 75 -9.19 -1.34 -24.03
C GLU D 75 -8.01 -1.60 -23.10
N SER D 76 -7.72 -0.65 -22.22
CA SER D 76 -6.46 -0.72 -21.46
C SER D 76 -6.62 -0.55 -19.93
N SER D 77 -5.62 -1.01 -19.20
CA SER D 77 -5.54 -0.73 -17.76
C SER D 77 -4.10 -0.37 -17.45
N VAL D 78 -3.89 0.31 -16.33
CA VAL D 78 -2.57 0.86 -16.02
C VAL D 78 -2.17 0.45 -14.60
N SER D 79 -0.98 -0.12 -14.46
CA SER D 79 -0.39 -0.43 -13.16
C SER D 79 0.75 0.54 -12.96
N THR D 80 1.18 0.72 -11.72
CA THR D 80 2.30 1.58 -11.38
C THR D 80 3.17 0.99 -10.27
N THR D 81 4.42 1.42 -10.24
CA THR D 81 5.29 1.09 -9.13
C THR D 81 6.37 2.18 -9.07
N THR D 82 7.37 2.00 -8.22
CA THR D 82 8.47 2.96 -8.20
C THR D 82 9.78 2.29 -8.58
N ALA D 83 10.72 3.09 -9.09
CA ALA D 83 12.10 2.67 -9.26
C ALA D 83 12.95 3.58 -8.40
N GLU D 84 13.59 2.99 -7.39
CA GLU D 84 14.43 3.74 -6.47
C GLU D 84 15.89 3.62 -6.89
N ILE D 85 16.49 4.73 -7.32
CA ILE D 85 17.83 4.71 -7.91
C ILE D 85 18.77 5.44 -6.96
N LYS D 86 19.71 4.69 -6.38
CA LYS D 86 20.65 5.20 -5.35
C LYS D 86 22.06 5.30 -5.93
N ASP D 87 22.97 5.92 -5.17
CA ASP D 87 24.38 5.99 -5.57
C ASP D 87 24.91 4.63 -6.00
N ASN E 2 -5.66 40.31 -13.54
CA ASN E 2 -5.09 39.74 -12.26
C ASN E 2 -3.81 38.94 -12.40
N SER E 3 -2.79 39.28 -11.60
CA SER E 3 -1.62 38.41 -11.45
C SER E 3 -1.89 37.32 -10.42
N LEU E 4 -1.66 36.07 -10.84
CA LEU E 4 -1.72 34.94 -9.94
C LEU E 4 -0.74 35.12 -8.78
N PRO E 5 -1.09 34.61 -7.59
CA PRO E 5 -0.18 34.61 -6.44
C PRO E 5 0.99 33.63 -6.61
N TYR E 6 2.13 33.97 -6.00
CA TYR E 6 3.26 33.06 -5.87
C TYR E 6 3.17 32.30 -4.55
N GLY E 7 3.06 30.98 -4.60
CA GLY E 7 3.14 30.18 -3.38
C GLY E 7 4.60 29.78 -3.20
N LYS E 8 5.08 29.84 -1.95
CA LYS E 8 6.45 29.35 -1.67
C LYS E 8 6.37 28.29 -0.58
N ILE E 9 6.66 27.05 -0.97
CA ILE E 9 6.36 25.92 -0.12
C ILE E 9 7.57 25.52 0.76
N ASN E 10 8.76 26.03 0.42
CA ASN E 10 9.94 25.92 1.26
C ASN E 10 10.38 24.46 1.50
N GLY E 11 10.33 23.64 0.46
CA GLY E 11 10.77 22.24 0.58
C GLY E 11 12.28 22.15 0.45
N THR E 12 12.82 20.93 0.37
CA THR E 12 12.10 19.70 0.65
C THR E 12 12.08 19.48 2.17
N TYR E 13 11.25 18.56 2.64
CA TYR E 13 11.06 18.35 4.06
C TYR E 13 11.51 16.94 4.40
N LYS E 14 12.09 16.78 5.60
CA LYS E 14 12.60 15.48 6.05
C LYS E 14 12.20 15.32 7.51
N GLY E 15 11.88 14.11 7.93
CA GLY E 15 11.69 13.84 9.36
C GLY E 15 11.54 12.36 9.58
N THR E 16 11.21 11.99 10.81
CA THR E 16 11.05 10.57 11.16
C THR E 16 9.56 10.31 11.45
N GLU E 17 9.19 9.03 11.56
CA GLU E 17 7.82 8.67 11.92
C GLU E 17 7.36 9.41 13.19
N LYS E 18 6.20 10.04 13.09
CA LYS E 18 5.57 10.73 14.25
C LYS E 18 6.22 12.06 14.61
N GLU E 19 7.23 12.46 13.86
CA GLU E 19 7.81 13.79 14.04
C GLU E 19 6.90 14.88 13.45
N LYS E 20 6.56 15.87 14.26
CA LYS E 20 5.86 17.06 13.79
C LYS E 20 6.74 17.89 12.88
N ILE E 21 6.51 17.78 11.58
CA ILE E 21 7.22 18.61 10.62
C ILE E 21 6.60 20.01 10.52
N LYS E 22 7.44 21.03 10.67
CA LYS E 22 6.98 22.40 10.62
C LYS E 22 6.96 22.87 9.16
N PHE E 23 5.79 22.83 8.54
CA PHE E 23 5.65 23.32 7.17
C PHE E 23 5.52 24.83 7.16
N SER E 24 6.11 25.46 6.16
CA SER E 24 6.14 26.92 6.09
C SER E 24 5.79 27.41 4.68
N SER E 25 4.92 28.42 4.62
CA SER E 25 4.60 29.12 3.37
C SER E 25 5.23 30.51 3.34
N GLU E 26 6.24 30.72 4.17
CA GLU E 26 6.96 31.97 4.23
C GLU E 26 7.48 32.37 2.85
N GLY E 27 7.29 33.64 2.49
CA GLY E 27 7.73 34.15 1.19
C GLY E 27 6.68 34.06 0.10
N SER E 28 5.51 33.51 0.42
CA SER E 28 4.39 33.55 -0.54
C SER E 28 3.91 34.99 -0.65
N PHE E 29 3.49 35.41 -1.84
CA PHE E 29 2.96 36.76 -2.01
C PHE E 29 2.09 36.89 -3.26
N ASP E 30 1.34 37.97 -3.32
CA ASP E 30 0.58 38.31 -4.52
C ASP E 30 0.99 39.72 -4.96
N PRO E 31 1.48 39.86 -6.21
CA PRO E 31 1.99 41.16 -6.62
C PRO E 31 0.93 42.25 -6.55
N ASP E 32 -0.33 41.90 -6.80
CA ASP E 32 -1.35 42.94 -7.03
C ASP E 32 -2.55 42.71 -6.13
N GLY E 33 -2.30 42.10 -4.98
CA GLY E 33 -3.34 41.96 -3.97
C GLY E 33 -2.76 41.20 -2.79
N LYS E 34 -3.51 40.25 -2.26
CA LYS E 34 -3.04 39.55 -1.08
C LYS E 34 -3.52 38.12 -1.12
N ILE E 35 -2.70 37.20 -0.61
CA ILE E 35 -3.13 35.81 -0.44
C ILE E 35 -4.13 35.67 0.71
N VAL E 36 -5.30 35.11 0.41
CA VAL E 36 -6.32 35.05 1.45
C VAL E 36 -6.51 33.65 2.00
N SER E 37 -5.96 32.65 1.34
CA SER E 37 -6.02 31.31 1.88
C SER E 37 -4.89 30.41 1.43
N TYR E 38 -4.57 29.46 2.30
CA TYR E 38 -3.45 28.54 2.12
C TYR E 38 -4.03 27.16 2.36
N GLU E 39 -3.94 26.29 1.37
CA GLU E 39 -4.46 24.91 1.51
C GLU E 39 -3.34 23.92 1.26
N TRP E 40 -2.99 23.16 2.30
CA TRP E 40 -1.93 22.18 2.23
C TRP E 40 -2.56 20.80 1.99
N ASP E 41 -1.90 20.00 1.16
CA ASP E 41 -2.20 18.58 1.07
C ASP E 41 -0.91 17.81 1.36
N PHE E 42 -0.88 17.05 2.45
CA PHE E 42 0.37 16.45 2.93
C PHE E 42 0.73 15.15 2.21
N GLY E 43 -0.16 14.69 1.31
CA GLY E 43 0.16 13.55 0.45
C GLY E 43 -0.17 12.20 1.09
N ASP E 44 -0.75 12.24 2.29
CA ASP E 44 -1.05 11.04 3.07
C ASP E 44 -2.56 10.97 3.37
N GLY E 45 -3.35 11.75 2.64
CA GLY E 45 -4.79 11.80 2.89
C GLY E 45 -5.20 12.90 3.85
N ASN E 46 -4.23 13.58 4.46
CA ASN E 46 -4.49 14.70 5.37
C ASN E 46 -4.27 16.07 4.73
N LYS E 47 -4.97 17.08 5.24
CA LYS E 47 -4.93 18.43 4.64
C LYS E 47 -4.94 19.46 5.77
N SER E 48 -4.56 20.71 5.48
CA SER E 48 -4.66 21.78 6.46
C SER E 48 -4.95 23.10 5.75
N ASN E 49 -5.67 23.99 6.42
CA ASN E 49 -5.85 25.35 5.92
C ASN E 49 -5.07 26.36 6.75
N GLU E 50 -4.11 25.87 7.53
CA GLU E 50 -3.24 26.78 8.25
C GLU E 50 -2.16 27.34 7.34
N GLU E 51 -1.69 28.54 7.65
CA GLU E 51 -0.61 29.17 6.89
C GLU E 51 0.70 28.37 7.03
N ASN E 52 0.98 27.92 8.25
CA ASN E 52 2.24 27.25 8.54
C ASN E 52 1.98 26.02 9.42
N PRO E 53 1.35 24.97 8.87
CA PRO E 53 0.89 23.89 9.76
C PRO E 53 2.06 23.07 10.30
N GLU E 54 1.84 22.39 11.43
CA GLU E 54 2.69 21.29 11.83
C GLU E 54 1.97 19.99 11.55
N HIS E 55 2.67 19.02 10.98
CA HIS E 55 2.04 17.78 10.62
C HIS E 55 3.00 16.61 10.77
N SER E 56 2.54 15.52 11.38
CA SER E 56 3.35 14.32 11.46
C SER E 56 2.82 13.19 10.58
N TYR E 57 3.74 12.37 10.10
CA TYR E 57 3.37 11.22 9.28
C TYR E 57 3.52 9.94 10.12
N ASP E 58 2.53 9.06 10.05
CA ASP E 58 2.56 7.84 10.84
C ASP E 58 3.63 6.87 10.37
N LYS E 59 3.88 6.84 9.06
CA LYS E 59 4.65 5.76 8.45
C LYS E 59 5.75 6.33 7.55
N VAL E 60 6.89 5.65 7.50
CA VAL E 60 7.97 6.04 6.62
C VAL E 60 7.48 6.04 5.19
N GLY E 61 8.16 6.82 4.36
CA GLY E 61 7.77 6.95 2.95
C GLY E 61 8.15 8.32 2.42
N THR E 62 7.94 8.53 1.13
CA THR E 62 8.20 9.83 0.54
C THR E 62 6.88 10.36 0.03
N TYR E 63 6.44 11.49 0.57
CA TYR E 63 5.09 11.99 0.30
C TYR E 63 5.20 13.23 -0.56
N THR E 64 4.23 13.41 -1.45
CA THR E 64 4.14 14.62 -2.24
C THR E 64 3.26 15.61 -1.49
N VAL E 65 3.85 16.75 -1.17
CA VAL E 65 3.16 17.83 -0.45
C VAL E 65 2.79 18.94 -1.46
N LYS E 66 1.53 19.38 -1.42
CA LYS E 66 1.07 20.47 -2.26
C LYS E 66 0.63 21.64 -1.40
N LEU E 67 0.92 22.84 -1.89
CA LEU E 67 0.40 24.05 -1.30
C LEU E 67 -0.33 24.84 -2.38
N LYS E 68 -1.64 25.06 -2.18
CA LYS E 68 -2.44 25.95 -3.01
C LYS E 68 -2.73 27.29 -2.34
N VAL E 69 -2.25 28.36 -2.95
CA VAL E 69 -2.53 29.71 -2.42
C VAL E 69 -3.52 30.41 -3.32
N THR E 70 -4.50 31.08 -2.70
CA THR E 70 -5.57 31.76 -3.43
C THR E 70 -5.57 33.24 -3.05
N ASP E 71 -5.60 34.12 -4.04
CA ASP E 71 -5.61 35.55 -3.78
C ASP E 71 -7.03 36.12 -3.60
N ASP E 72 -7.10 37.44 -3.46
CA ASP E 72 -8.33 38.13 -3.14
C ASP E 72 -9.26 38.18 -4.35
N LYS E 73 -8.73 37.88 -5.54
CA LYS E 73 -9.57 37.77 -6.75
C LYS E 73 -10.04 36.34 -6.97
N GLY E 74 -9.74 35.47 -6.01
CA GLY E 74 -10.23 34.09 -6.06
C GLY E 74 -9.41 33.19 -6.99
N GLU E 75 -8.27 33.68 -7.44
CA GLU E 75 -7.38 32.86 -8.29
C GLU E 75 -6.20 32.24 -7.57
N SER E 76 -5.83 31.01 -7.96
CA SER E 76 -4.92 30.19 -7.18
C SER E 76 -3.67 29.81 -7.98
N SER E 77 -2.60 29.41 -7.29
CA SER E 77 -1.53 28.66 -7.94
C SER E 77 -1.07 27.60 -6.95
N VAL E 78 -0.39 26.59 -7.46
CA VAL E 78 -0.01 25.42 -6.64
C VAL E 78 1.50 25.16 -6.76
N SER E 79 2.16 24.96 -5.63
CA SER E 79 3.55 24.55 -5.62
C SER E 79 3.58 23.20 -4.94
N THR E 80 4.66 22.44 -5.17
CA THR E 80 4.76 21.10 -4.60
C THR E 80 6.18 20.85 -4.14
N THR E 81 6.30 19.93 -3.18
CA THR E 81 7.61 19.42 -2.81
C THR E 81 7.40 18.03 -2.21
N THR E 82 8.46 17.45 -1.66
CA THR E 82 8.34 16.15 -1.00
C THR E 82 8.62 16.25 0.49
N ALA E 83 8.12 15.27 1.23
CA ALA E 83 8.47 15.08 2.63
C ALA E 83 9.01 13.67 2.74
N GLU E 84 10.28 13.54 3.07
CA GLU E 84 10.92 12.23 3.15
C GLU E 84 10.97 11.77 4.61
N ILE E 85 10.24 10.71 4.93
CA ILE E 85 10.04 10.29 6.31
C ILE E 85 10.78 8.97 6.48
N LYS E 86 11.80 8.99 7.34
CA LYS E 86 12.69 7.84 7.57
C LYS E 86 12.45 7.27 8.96
N ASP E 87 13.09 6.14 9.26
CA ASP E 87 13.04 5.55 10.59
C ASP E 87 13.47 6.55 11.66
N ASN F 2 20.89 30.60 1.02
CA ASN F 2 20.29 30.74 -0.36
C ASN F 2 18.76 30.81 -0.35
N SER F 3 18.21 31.84 -1.00
CA SER F 3 16.77 31.85 -1.31
C SER F 3 16.45 30.91 -2.48
N LEU F 4 15.42 30.09 -2.31
CA LEU F 4 15.00 29.25 -3.41
C LEU F 4 14.42 30.13 -4.53
N PRO F 5 14.50 29.69 -5.80
CA PRO F 5 13.84 30.43 -6.87
C PRO F 5 12.31 30.28 -6.84
N TYR F 6 11.63 31.26 -7.43
CA TYR F 6 10.19 31.20 -7.62
C TYR F 6 9.92 30.80 -9.05
N GLY F 7 9.29 29.65 -9.29
CA GLY F 7 8.81 29.35 -10.64
C GLY F 7 7.39 29.86 -10.80
N LYS F 8 7.07 30.36 -11.99
CA LYS F 8 5.70 30.77 -12.30
C LYS F 8 5.26 30.04 -13.55
N ILE F 9 4.28 29.15 -13.38
CA ILE F 9 3.92 28.23 -14.44
C ILE F 9 2.78 28.76 -15.34
N ASN F 10 2.12 29.83 -14.92
CA ASN F 10 1.11 30.49 -15.77
C ASN F 10 -0.02 29.59 -16.27
N GLY F 11 -0.58 28.77 -15.37
CA GLY F 11 -1.75 27.94 -15.74
C GLY F 11 -3.03 28.71 -15.49
N THR F 12 -4.18 28.08 -15.69
CA THR F 12 -4.26 26.76 -16.29
C THR F 12 -4.20 26.86 -17.82
N TYR F 13 -4.01 25.73 -18.47
CA TYR F 13 -3.87 25.71 -19.91
C TYR F 13 -5.03 24.93 -20.52
N LYS F 14 -5.42 25.31 -21.72
CA LYS F 14 -6.52 24.68 -22.43
C LYS F 14 -6.12 24.51 -23.89
N GLY F 15 -6.57 23.43 -24.52
CA GLY F 15 -6.39 23.32 -25.96
C GLY F 15 -7.11 22.11 -26.49
N THR F 16 -6.93 21.83 -27.78
CA THR F 16 -7.58 20.68 -28.37
C THR F 16 -6.50 19.66 -28.76
N GLU F 17 -6.91 18.46 -29.17
CA GLU F 17 -5.96 17.41 -29.51
C GLU F 17 -5.03 17.92 -30.63
N LYS F 18 -3.73 17.71 -30.46
CA LYS F 18 -2.71 18.09 -31.43
C LYS F 18 -2.41 19.60 -31.52
N GLU F 19 -3.14 20.40 -30.74
CA GLU F 19 -2.84 21.83 -30.69
C GLU F 19 -1.54 22.03 -29.95
N LYS F 20 -0.63 22.82 -30.53
CA LYS F 20 0.60 23.20 -29.84
C LYS F 20 0.28 24.22 -28.77
N ILE F 21 0.27 23.78 -27.52
CA ILE F 21 0.06 24.71 -26.41
C ILE F 21 1.34 25.43 -26.08
N LYS F 22 1.26 26.75 -25.99
CA LYS F 22 2.44 27.56 -25.73
C LYS F 22 2.62 27.74 -24.22
N PHE F 23 3.48 26.92 -23.62
CA PHE F 23 3.74 26.97 -22.19
C PHE F 23 4.71 28.10 -21.87
N SER F 24 4.46 28.79 -20.76
CA SER F 24 5.26 29.96 -20.40
C SER F 24 5.69 29.91 -18.95
N SER F 25 6.97 30.15 -18.71
CA SER F 25 7.53 30.33 -17.36
C SER F 25 7.72 31.82 -17.01
N GLU F 26 7.04 32.68 -17.77
CA GLU F 26 7.18 34.11 -17.56
C GLU F 26 6.86 34.53 -16.12
N GLY F 27 7.66 35.45 -15.58
CA GLY F 27 7.53 35.83 -14.15
C GLY F 27 8.22 34.95 -13.12
N SER F 28 8.98 33.96 -13.58
CA SER F 28 9.83 33.17 -12.68
C SER F 28 11.05 34.03 -12.30
N PHE F 29 11.55 33.91 -11.07
CA PHE F 29 12.73 34.71 -10.71
C PHE F 29 13.43 34.11 -9.51
N ASP F 30 14.65 34.57 -9.27
CA ASP F 30 15.39 34.18 -8.09
C ASP F 30 15.83 35.44 -7.36
N PRO F 31 15.42 35.60 -6.08
CA PRO F 31 15.65 36.92 -5.47
C PRO F 31 17.13 37.22 -5.32
N ASP F 32 17.95 36.19 -5.15
CA ASP F 32 19.37 36.40 -4.81
C ASP F 32 20.31 35.67 -5.78
N GLY F 33 19.91 35.57 -7.03
CA GLY F 33 20.73 34.91 -8.05
C GLY F 33 19.97 34.89 -9.36
N LYS F 34 20.02 33.78 -10.07
CA LYS F 34 19.31 33.69 -11.35
C LYS F 34 18.87 32.25 -11.58
N ILE F 35 17.74 32.07 -12.27
CA ILE F 35 17.32 30.73 -12.64
C ILE F 35 18.14 30.29 -13.83
N VAL F 36 18.80 29.15 -13.72
CA VAL F 36 19.68 28.69 -14.79
C VAL F 36 19.08 27.54 -15.60
N SER F 37 18.07 26.87 -15.04
CA SER F 37 17.40 25.86 -15.81
C SER F 37 15.90 25.76 -15.54
N TYR F 38 15.19 25.31 -16.56
CA TYR F 38 13.73 25.12 -16.53
C TYR F 38 13.44 23.71 -16.99
N GLU F 39 12.75 22.93 -16.16
CA GLU F 39 12.41 21.56 -16.54
C GLU F 39 10.90 21.33 -16.45
N TRP F 40 10.28 20.99 -17.59
CA TRP F 40 8.83 20.84 -17.66
C TRP F 40 8.52 19.36 -17.74
N ASP F 41 7.45 18.96 -17.05
CA ASP F 41 6.85 17.67 -17.29
C ASP F 41 5.40 17.91 -17.69
N PHE F 42 4.99 17.39 -18.85
CA PHE F 42 3.71 17.77 -19.44
C PHE F 42 2.59 16.86 -18.98
N GLY F 43 2.95 15.82 -18.22
CA GLY F 43 1.95 14.98 -17.60
C GLY F 43 1.44 13.86 -18.48
N ASP F 44 2.01 13.75 -19.68
CA ASP F 44 1.77 12.63 -20.58
C ASP F 44 3.04 11.79 -20.77
N GLY F 45 4.00 11.90 -19.86
CA GLY F 45 5.26 11.17 -20.00
C GLY F 45 6.38 11.95 -20.67
N ASN F 46 6.02 13.07 -21.29
CA ASN F 46 6.98 13.92 -22.01
C ASN F 46 7.53 15.04 -21.14
N LYS F 47 8.78 15.42 -21.39
CA LYS F 47 9.43 16.51 -20.65
C LYS F 47 10.10 17.47 -21.63
N SER F 48 10.51 18.63 -21.15
CA SER F 48 11.26 19.58 -21.95
C SER F 48 12.17 20.37 -21.04
N ASN F 49 13.35 20.76 -21.55
CA ASN F 49 14.22 21.72 -20.83
C ASN F 49 14.19 23.13 -21.39
N GLU F 50 13.19 23.43 -22.22
CA GLU F 50 13.07 24.77 -22.78
C GLU F 50 12.44 25.68 -21.74
N GLU F 51 12.74 26.97 -21.86
CA GLU F 51 12.17 27.95 -20.96
C GLU F 51 10.67 28.12 -21.19
N ASN F 52 10.28 28.21 -22.47
CA ASN F 52 8.87 28.37 -22.83
C ASN F 52 8.48 27.40 -23.94
N PRO F 53 8.30 26.11 -23.59
CA PRO F 53 8.16 25.11 -24.64
C PRO F 53 6.77 25.16 -25.29
N GLU F 54 6.69 24.70 -26.54
CA GLU F 54 5.40 24.39 -27.15
C GLU F 54 5.23 22.89 -27.17
N HIS F 55 4.06 22.42 -26.79
CA HIS F 55 3.84 20.97 -26.70
C HIS F 55 2.40 20.68 -27.06
N SER F 56 2.18 19.64 -27.87
CA SER F 56 0.83 19.19 -28.14
C SER F 56 0.55 17.84 -27.53
N TYR F 57 -0.72 17.61 -27.23
CA TYR F 57 -1.14 16.36 -26.63
C TYR F 57 -1.92 15.58 -27.67
N ASP F 58 -1.58 14.31 -27.81
CA ASP F 58 -2.24 13.44 -28.77
C ASP F 58 -3.72 13.21 -28.48
N LYS F 59 -4.06 13.14 -27.20
CA LYS F 59 -5.36 12.64 -26.76
C LYS F 59 -6.02 13.60 -25.75
N VAL F 60 -7.35 13.70 -25.84
CA VAL F 60 -8.15 14.38 -24.83
C VAL F 60 -7.84 13.87 -23.43
N GLY F 61 -7.99 14.75 -22.46
CA GLY F 61 -7.62 14.46 -21.09
C GLY F 61 -7.31 15.73 -20.34
N THR F 62 -7.21 15.62 -19.02
CA THR F 62 -6.66 16.70 -18.22
C THR F 62 -5.32 16.27 -17.62
N TYR F 63 -4.26 17.00 -17.99
CA TYR F 63 -2.90 16.55 -17.66
C TYR F 63 -2.35 17.41 -16.55
N THR F 64 -1.53 16.82 -15.68
CA THR F 64 -0.83 17.61 -14.67
C THR F 64 0.53 18.04 -15.21
N VAL F 65 0.71 19.35 -15.30
CA VAL F 65 1.94 19.94 -15.80
C VAL F 65 2.80 20.42 -14.63
N LYS F 66 4.10 20.10 -14.65
CA LYS F 66 4.97 20.56 -13.58
C LYS F 66 6.13 21.33 -14.15
N LEU F 67 6.55 22.36 -13.43
CA LEU F 67 7.71 23.17 -13.84
C LEU F 67 8.69 23.21 -12.66
N LYS F 68 9.90 22.69 -12.87
CA LYS F 68 10.96 22.77 -11.90
C LYS F 68 11.98 23.83 -12.34
N VAL F 69 12.15 24.86 -11.52
CA VAL F 69 13.19 25.84 -11.80
C VAL F 69 14.38 25.65 -10.86
N THR F 70 15.60 25.81 -11.38
CA THR F 70 16.81 25.64 -10.60
C THR F 70 17.70 26.86 -10.70
N ASP F 71 18.18 27.34 -9.55
CA ASP F 71 18.99 28.55 -9.51
C ASP F 71 20.49 28.27 -9.59
N ASP F 72 21.29 29.34 -9.55
CA ASP F 72 22.72 29.24 -9.76
C ASP F 72 23.40 28.52 -8.59
N LYS F 73 22.69 28.35 -7.47
CA LYS F 73 23.26 27.57 -6.34
C LYS F 73 22.88 26.11 -6.43
N GLY F 74 22.15 25.74 -7.47
CA GLY F 74 21.79 24.32 -7.68
C GLY F 74 20.53 23.93 -6.93
N GLU F 75 19.82 24.91 -6.38
CA GLU F 75 18.59 24.61 -5.62
C GLU F 75 17.33 24.93 -6.39
N SER F 76 16.29 24.11 -6.20
CA SER F 76 15.14 24.13 -7.10
C SER F 76 13.82 24.27 -6.34
N SER F 77 12.78 24.62 -7.08
CA SER F 77 11.40 24.59 -6.57
C SER F 77 10.49 24.19 -7.73
N VAL F 78 9.30 23.71 -7.42
CA VAL F 78 8.45 23.06 -8.41
C VAL F 78 7.02 23.65 -8.26
N SER F 79 6.42 24.07 -9.38
CA SER F 79 5.01 24.45 -9.34
C SER F 79 4.29 23.51 -10.29
N THR F 80 2.96 23.53 -10.19
CA THR F 80 2.14 22.69 -11.05
C THR F 80 0.88 23.42 -11.51
N THR F 81 0.31 22.91 -12.59
CA THR F 81 -1.01 23.35 -13.00
C THR F 81 -1.60 22.25 -13.88
N THR F 82 -2.72 22.53 -14.52
CA THR F 82 -3.32 21.52 -15.40
C THR F 82 -3.39 22.01 -16.84
N ALA F 83 -3.41 21.06 -17.76
CA ALA F 83 -3.71 21.38 -19.16
C ALA F 83 -4.92 20.54 -19.52
N GLU F 84 -6.03 21.22 -19.84
CA GLU F 84 -7.25 20.52 -20.18
C GLU F 84 -7.35 20.44 -21.69
N ILE F 85 -7.36 19.22 -22.22
CA ILE F 85 -7.39 19.00 -23.66
C ILE F 85 -8.72 18.42 -24.06
N LYS F 86 -9.47 19.16 -24.89
CA LYS F 86 -10.81 18.74 -25.34
C LYS F 86 -10.78 18.31 -26.80
N ASP F 87 -11.89 17.74 -27.27
CA ASP F 87 -12.09 17.51 -28.70
C ASP F 87 -11.72 18.73 -29.51
N ASN G 2 17.95 15.31 20.47
CA ASN G 2 16.60 15.39 21.13
C ASN G 2 16.59 14.81 22.54
N SER G 3 16.09 15.60 23.48
CA SER G 3 15.83 15.08 24.81
C SER G 3 14.48 14.38 24.79
N LEU G 4 14.45 13.18 25.35
CA LEU G 4 13.21 12.48 25.55
C LEU G 4 12.30 13.22 26.53
N PRO G 5 10.98 13.09 26.34
CA PRO G 5 10.04 13.74 27.23
C PRO G 5 9.98 12.98 28.55
N TYR G 6 9.62 13.68 29.61
CA TYR G 6 9.41 13.09 30.93
C TYR G 6 7.88 12.92 31.08
N GLY G 7 7.41 11.68 31.26
CA GLY G 7 6.01 11.45 31.60
C GLY G 7 5.89 11.40 33.12
N LYS G 8 4.82 11.99 33.64
CA LYS G 8 4.52 11.88 35.06
C LYS G 8 3.14 11.23 35.24
N ILE G 9 3.10 10.04 35.83
CA ILE G 9 1.86 9.27 35.85
C ILE G 9 1.04 9.48 37.13
N ASN G 10 1.68 10.07 38.15
CA ASN G 10 0.98 10.46 39.38
C ASN G 10 0.31 9.30 40.11
N GLY G 11 0.99 8.15 40.21
CA GLY G 11 0.44 7.01 40.96
C GLY G 11 0.75 7.15 42.43
N THR G 12 0.35 6.18 43.26
CA THR G 12 -0.46 5.04 42.81
C THR G 12 -1.93 5.42 42.86
N TYR G 13 -2.77 4.60 42.23
CA TYR G 13 -4.21 4.88 42.18
C TYR G 13 -5.01 3.82 42.96
N LYS G 14 -6.16 4.23 43.48
CA LYS G 14 -6.99 3.37 44.30
C LYS G 14 -8.45 3.69 43.98
N GLY G 15 -9.30 2.69 44.05
CA GLY G 15 -10.73 2.94 43.89
C GLY G 15 -11.49 1.66 44.09
N THR G 16 -12.80 1.71 43.92
CA THR G 16 -13.60 0.52 44.11
C THR G 16 -14.10 0.06 42.74
N GLU G 17 -14.77 -1.11 42.68
CA GLU G 17 -15.35 -1.60 41.43
C GLU G 17 -16.33 -0.57 40.85
N LYS G 18 -16.20 -0.28 39.56
CA LYS G 18 -17.05 0.69 38.85
C LYS G 18 -16.82 2.18 39.16
N GLU G 19 -15.86 2.46 40.04
CA GLU G 19 -15.53 3.85 40.34
C GLU G 19 -14.68 4.42 39.21
N LYS G 20 -15.08 5.60 38.72
CA LYS G 20 -14.25 6.29 37.73
C LYS G 20 -13.06 6.87 38.43
N ILE G 21 -11.89 6.32 38.17
CA ILE G 21 -10.64 6.88 38.68
C ILE G 21 -10.13 7.98 37.76
N LYS G 22 -9.82 9.13 38.34
CA LYS G 22 -9.34 10.27 37.56
C LYS G 22 -7.83 10.17 37.40
N PHE G 23 -7.36 9.69 36.25
CA PHE G 23 -5.93 9.53 36.01
C PHE G 23 -5.39 10.88 35.55
N SER G 24 -4.16 11.17 35.95
CA SER G 24 -3.56 12.48 35.67
C SER G 24 -2.14 12.31 35.11
N SER G 25 -1.81 13.05 34.05
CA SER G 25 -0.44 13.14 33.52
C SER G 25 0.22 14.50 33.90
N GLU G 26 -0.38 15.19 34.87
CA GLU G 26 0.07 16.50 35.29
C GLU G 26 1.57 16.43 35.66
N GLY G 27 2.34 17.44 35.24
CA GLY G 27 3.79 17.43 35.49
C GLY G 27 4.65 16.81 34.41
N SER G 28 4.03 16.17 33.42
CA SER G 28 4.76 15.69 32.24
C SER G 28 5.27 16.88 31.42
N PHE G 29 6.49 16.79 30.88
CA PHE G 29 7.00 17.90 30.11
C PHE G 29 8.08 17.39 29.19
N ASP G 30 8.48 18.23 28.23
CA ASP G 30 9.60 17.92 27.36
C ASP G 30 10.54 19.13 27.43
N PRO G 31 11.82 18.90 27.77
CA PRO G 31 12.74 20.02 28.02
C PRO G 31 12.96 20.86 26.76
N ASP G 32 12.88 20.25 25.59
CA ASP G 32 13.28 20.92 24.36
C ASP G 32 12.22 20.83 23.27
N GLY G 33 10.96 20.73 23.68
CA GLY G 33 9.87 20.73 22.71
C GLY G 33 8.59 20.65 23.48
N LYS G 34 7.63 19.87 22.97
CA LYS G 34 6.36 19.72 23.65
C LYS G 34 5.88 18.27 23.53
N ILE G 35 5.14 17.81 24.53
CA ILE G 35 4.44 16.52 24.41
C ILE G 35 3.22 16.68 23.51
N VAL G 36 3.14 15.86 22.47
CA VAL G 36 2.03 15.94 21.53
C VAL G 36 1.02 14.82 21.73
N SER G 37 1.41 13.71 22.33
CA SER G 37 0.43 12.69 22.63
C SER G 37 0.64 11.94 23.93
N TYR G 38 -0.47 11.49 24.48
CA TYR G 38 -0.54 10.75 25.74
C TYR G 38 -1.28 9.45 25.42
N GLU G 39 -0.66 8.34 25.74
CA GLU G 39 -1.27 7.05 25.53
C GLU G 39 -1.31 6.22 26.84
N TRP G 40 -2.52 5.95 27.34
CA TRP G 40 -2.71 5.25 28.60
C TRP G 40 -3.04 3.80 28.33
N ASP G 41 -2.42 2.89 29.09
CA ASP G 41 -2.88 1.52 29.11
C ASP G 41 -3.27 1.17 30.55
N PHE G 42 -4.56 0.87 30.77
CA PHE G 42 -5.09 0.74 32.12
C PHE G 42 -4.88 -0.64 32.72
N GLY G 43 -4.33 -1.55 31.93
CA GLY G 43 -3.88 -2.85 32.46
C GLY G 43 -5.00 -3.87 32.50
N ASP G 44 -6.15 -3.50 31.99
CA ASP G 44 -7.30 -4.41 31.93
C ASP G 44 -7.72 -4.63 30.48
N GLY G 45 -6.83 -4.26 29.54
CA GLY G 45 -7.11 -4.39 28.13
C GLY G 45 -7.68 -3.13 27.51
N ASN G 46 -7.93 -2.11 28.34
CA ASN G 46 -8.45 -0.82 27.87
C ASN G 46 -7.37 0.26 27.74
N LYS G 47 -7.61 1.22 26.85
CA LYS G 47 -6.61 2.23 26.56
C LYS G 47 -7.28 3.59 26.48
N SER G 48 -6.50 4.67 26.54
CA SER G 48 -7.04 5.98 26.25
C SER G 48 -5.94 6.85 25.66
N ASN G 49 -6.32 7.79 24.79
CA ASN G 49 -5.36 8.78 24.31
C ASN G 49 -5.65 10.14 24.89
N GLU G 50 -6.50 10.19 25.91
CA GLU G 50 -6.71 11.45 26.62
C GLU G 50 -5.51 11.82 27.49
N GLU G 51 -5.34 13.12 27.69
CA GLU G 51 -4.29 13.56 28.58
C GLU G 51 -4.55 13.08 30.02
N ASN G 52 -5.80 13.26 30.48
CA ASN G 52 -6.15 12.99 31.87
C ASN G 52 -7.45 12.19 31.92
N PRO G 53 -7.38 10.89 31.58
CA PRO G 53 -8.60 10.13 31.34
C PRO G 53 -9.27 9.76 32.66
N GLU G 54 -10.59 9.53 32.61
CA GLU G 54 -11.27 8.85 33.70
C GLU G 54 -11.57 7.44 33.27
N HIS G 55 -11.25 6.46 34.11
CA HIS G 55 -11.47 5.07 33.75
C HIS G 55 -11.95 4.28 34.97
N SER G 56 -12.95 3.42 34.77
CA SER G 56 -13.38 2.53 35.85
C SER G 56 -13.00 1.09 35.56
N TYR G 57 -12.85 0.32 36.63
CA TYR G 57 -12.52 -1.10 36.50
C TYR G 57 -13.68 -1.92 36.97
N ASP G 58 -14.05 -2.91 36.16
CA ASP G 58 -15.20 -3.75 36.46
C ASP G 58 -14.99 -4.64 37.68
N LYS G 59 -13.76 -5.07 37.90
CA LYS G 59 -13.49 -6.11 38.87
C LYS G 59 -12.31 -5.74 39.77
N VAL G 60 -12.41 -6.16 41.02
CA VAL G 60 -11.33 -5.97 41.98
C VAL G 60 -10.06 -6.59 41.42
N GLY G 61 -8.94 -6.04 41.84
CA GLY G 61 -7.65 -6.53 41.38
C GLY G 61 -6.62 -5.44 41.56
N THR G 62 -5.37 -5.75 41.19
CA THR G 62 -4.35 -4.72 41.07
C THR G 62 -3.82 -4.67 39.64
N TYR G 63 -3.96 -3.50 38.99
CA TYR G 63 -3.72 -3.41 37.57
C TYR G 63 -2.48 -2.57 37.33
N THR G 64 -1.69 -2.94 36.33
CA THR G 64 -0.54 -2.14 35.93
C THR G 64 -1.01 -1.11 34.91
N VAL G 65 -0.78 0.15 35.23
CA VAL G 65 -1.18 1.26 34.39
C VAL G 65 0.09 1.81 33.74
N LYS G 66 0.08 2.05 32.44
CA LYS G 66 1.24 2.63 31.77
C LYS G 66 0.84 3.92 31.11
N LEU G 67 1.77 4.87 31.07
CA LEU G 67 1.57 6.13 30.35
C LEU G 67 2.74 6.29 29.39
N LYS G 68 2.45 6.38 28.10
CA LYS G 68 3.51 6.67 27.11
C LYS G 68 3.30 8.09 26.58
N VAL G 69 4.29 8.94 26.76
CA VAL G 69 4.25 10.29 26.20
C VAL G 69 5.21 10.41 25.04
N THR G 70 4.75 11.09 23.99
CA THR G 70 5.54 11.27 22.79
C THR G 70 5.67 12.77 22.50
N ASP G 71 6.89 13.19 22.16
CA ASP G 71 7.16 14.59 21.90
C ASP G 71 7.05 14.93 20.41
N ASP G 72 7.33 16.20 20.09
CA ASP G 72 7.17 16.72 18.75
C ASP G 72 8.19 16.14 17.73
N LYS G 73 9.25 15.50 18.25
CA LYS G 73 10.21 14.78 17.41
C LYS G 73 9.85 13.31 17.25
N GLY G 74 8.70 12.92 17.77
CA GLY G 74 8.23 11.55 17.56
C GLY G 74 8.88 10.53 18.49
N GLU G 75 9.56 11.00 19.52
CA GLU G 75 10.22 10.11 20.49
C GLU G 75 9.50 10.05 21.85
N SER G 76 9.48 8.86 22.46
CA SER G 76 8.59 8.62 23.60
C SER G 76 9.33 8.23 24.87
N SER G 77 8.63 8.24 25.98
CA SER G 77 9.08 7.56 27.19
C SER G 77 7.87 6.99 27.92
N VAL G 78 8.09 5.98 28.76
CA VAL G 78 6.96 5.29 29.38
C VAL G 78 7.15 5.28 30.90
N SER G 79 6.09 5.59 31.63
CA SER G 79 6.14 5.44 33.09
C SER G 79 5.03 4.51 33.52
N THR G 80 5.14 3.92 34.71
CA THR G 80 4.14 2.96 35.14
C THR G 80 3.77 3.16 36.59
N THR G 81 2.59 2.66 36.95
CA THR G 81 2.20 2.59 38.34
C THR G 81 1.14 1.51 38.47
N THR G 82 0.52 1.42 39.63
CA THR G 82 -0.57 0.46 39.81
C THR G 82 -1.87 1.18 40.13
N ALA G 83 -3.00 0.51 39.81
CA ALA G 83 -4.29 0.91 40.32
C ALA G 83 -4.87 -0.24 41.15
N GLU G 84 -5.09 0.00 42.43
CA GLU G 84 -5.60 -1.03 43.32
C GLU G 84 -7.10 -0.88 43.48
N ILE G 85 -7.85 -1.88 43.01
CA ILE G 85 -9.31 -1.81 43.01
C ILE G 85 -9.86 -2.79 44.04
N LYS G 86 -10.57 -2.26 45.04
CA LYS G 86 -11.10 -3.08 46.13
C LYS G 86 -12.61 -3.16 46.03
N ASP G 87 -13.22 -3.96 46.93
CA ASP G 87 -14.68 -4.02 47.03
C ASP G 87 -15.28 -2.63 47.14
N ASN H 2 4.65 16.30 49.23
CA ASN H 2 5.87 15.79 48.49
C ASN H 2 5.64 15.60 46.97
N SER H 3 6.50 16.20 46.16
CA SER H 3 6.57 15.85 44.74
C SER H 3 7.32 14.53 44.53
N LEU H 4 6.69 13.61 43.81
CA LEU H 4 7.36 12.40 43.39
C LEU H 4 8.60 12.74 42.55
N PRO H 5 9.63 11.89 42.65
CA PRO H 5 10.80 12.02 41.79
C PRO H 5 10.48 11.67 40.31
N TYR H 6 11.25 12.25 39.39
CA TYR H 6 11.19 11.86 37.99
C TYR H 6 12.37 10.93 37.74
N GLY H 7 12.11 9.71 37.28
CA GLY H 7 13.19 8.88 36.78
C GLY H 7 13.33 9.06 35.28
N LYS H 8 14.56 9.01 34.80
CA LYS H 8 14.80 9.01 33.37
C LYS H 8 15.64 7.81 33.02
N ILE H 9 15.07 6.90 32.25
CA ILE H 9 15.68 5.59 32.02
C ILE H 9 16.52 5.57 30.72
N ASN H 10 16.32 6.56 29.85
CA ASN H 10 17.18 6.73 28.68
C ASN H 10 17.18 5.54 27.73
N GLY H 11 16.01 4.95 27.47
CA GLY H 11 15.91 3.89 26.46
C GLY H 11 15.71 4.47 25.06
N THR H 12 15.52 3.61 24.09
CA THR H 12 15.57 2.16 24.28
C THR H 12 17.05 1.72 24.19
N TYR H 13 17.30 0.46 24.56
CA TYR H 13 18.67 -0.08 24.57
C TYR H 13 18.79 -1.20 23.55
N LYS H 14 19.97 -1.31 22.95
CA LYS H 14 20.24 -2.35 21.97
C LYS H 14 21.62 -2.92 22.27
N GLY H 15 21.80 -4.21 22.01
CA GLY H 15 23.14 -4.80 22.07
C GLY H 15 23.05 -6.24 21.60
N THR H 16 24.15 -6.96 21.72
CA THR H 16 24.18 -8.34 21.26
C THR H 16 24.35 -9.24 22.47
N GLU H 17 24.23 -10.55 22.27
CA GLU H 17 24.43 -11.50 23.34
C GLU H 17 25.77 -11.26 24.04
N LYS H 18 25.72 -11.21 25.37
CA LYS H 18 26.89 -11.05 26.22
C LYS H 18 27.56 -9.68 26.21
N GLU H 19 26.98 -8.74 25.45
CA GLU H 19 27.50 -7.38 25.46
C GLU H 19 27.01 -6.68 26.71
N LYS H 20 27.93 -6.00 27.39
CA LYS H 20 27.61 -5.16 28.55
C LYS H 20 26.92 -3.89 28.08
N ILE H 21 25.62 -3.80 28.29
CA ILE H 21 24.89 -2.58 27.94
C ILE H 21 25.01 -1.57 29.08
N LYS H 22 25.42 -0.35 28.73
CA LYS H 22 25.62 0.69 29.72
C LYS H 22 24.28 1.38 29.98
N PHE H 23 23.62 1.03 31.07
CA PHE H 23 22.32 1.62 31.37
C PHE H 23 22.58 2.92 32.10
N SER H 24 21.70 3.89 31.89
CA SER H 24 21.93 5.21 32.43
C SER H 24 20.63 5.78 33.02
N SER H 25 20.74 6.33 34.22
CA SER H 25 19.63 7.06 34.84
C SER H 25 19.87 8.58 34.81
N GLU H 26 20.68 9.01 33.86
CA GLU H 26 21.03 10.41 33.69
C GLU H 26 19.80 11.28 33.43
N GLY H 27 19.72 12.41 34.11
CA GLY H 27 18.52 13.28 33.99
C GLY H 27 17.38 13.00 34.96
N SER H 28 17.56 12.01 35.84
CA SER H 28 16.55 11.73 36.89
C SER H 28 16.69 12.82 37.94
N PHE H 29 15.59 13.30 38.51
CA PHE H 29 15.71 14.36 39.50
C PHE H 29 14.51 14.35 40.44
N ASP H 30 14.62 15.06 41.56
CA ASP H 30 13.47 15.31 42.44
C ASP H 30 13.31 16.82 42.62
N PRO H 31 12.13 17.36 42.26
CA PRO H 31 11.96 18.81 42.33
C PRO H 31 12.20 19.35 43.74
N ASP H 32 11.78 18.61 44.77
CA ASP H 32 11.73 19.17 46.12
C ASP H 32 12.53 18.27 47.07
N GLY H 33 13.58 17.65 46.57
CA GLY H 33 14.41 16.83 47.43
C GLY H 33 15.50 16.20 46.60
N LYS H 34 15.87 14.97 46.92
CA LYS H 34 16.90 14.29 46.14
C LYS H 34 16.50 12.86 45.96
N ILE H 35 16.92 12.24 44.85
CA ILE H 35 16.83 10.79 44.70
C ILE H 35 17.89 10.05 45.52
N VAL H 36 17.46 9.15 46.41
CA VAL H 36 18.40 8.49 47.29
C VAL H 36 18.68 7.06 46.84
N SER H 37 17.81 6.51 46.00
CA SER H 37 18.06 5.18 45.50
C SER H 37 17.50 4.88 44.12
N TYR H 38 18.25 4.04 43.40
CA TYR H 38 17.91 3.62 42.05
C TYR H 38 17.82 2.12 42.05
N GLU H 39 16.71 1.59 41.54
CA GLU H 39 16.54 0.14 41.49
C GLU H 39 16.14 -0.30 40.08
N TRP H 40 17.03 -1.05 39.43
CA TRP H 40 16.85 -1.49 38.04
C TRP H 40 16.37 -2.94 38.03
N ASP H 41 15.43 -3.24 37.15
CA ASP H 41 15.06 -4.62 36.89
C ASP H 41 15.27 -4.84 35.39
N PHE H 42 16.19 -5.73 35.05
CA PHE H 42 16.65 -5.86 33.66
C PHE H 42 15.73 -6.74 32.83
N GLY H 43 14.76 -7.38 33.47
CA GLY H 43 13.70 -8.07 32.73
C GLY H 43 14.07 -9.52 32.43
N ASP H 44 15.22 -9.94 32.94
CA ASP H 44 15.69 -11.30 32.71
C ASP H 44 15.82 -11.98 34.06
N GLY H 45 15.16 -11.39 35.06
CA GLY H 45 15.22 -11.88 36.43
C GLY H 45 16.38 -11.32 37.24
N ASN H 46 17.16 -10.43 36.63
CA ASN H 46 18.26 -9.76 37.33
C ASN H 46 17.91 -8.31 37.71
N LYS H 47 18.58 -7.81 38.74
CA LYS H 47 18.32 -6.46 39.22
C LYS H 47 19.64 -5.79 39.58
N SER H 48 19.58 -4.49 39.81
CA SER H 48 20.75 -3.77 40.29
C SER H 48 20.30 -2.55 41.08
N ASN H 49 21.08 -2.17 42.09
CA ASN H 49 20.86 -0.90 42.80
C ASN H 49 21.88 0.16 42.47
N GLU H 50 22.62 -0.03 41.39
CA GLU H 50 23.51 1.02 40.91
C GLU H 50 22.77 2.10 40.15
N GLU H 51 23.31 3.30 40.21
CA GLU H 51 22.75 4.41 39.48
C GLU H 51 22.80 4.18 37.96
N ASN H 52 23.96 3.72 37.47
CA ASN H 52 24.19 3.51 36.04
C ASN H 52 24.85 2.13 35.79
N PRO H 53 24.08 1.05 35.94
CA PRO H 53 24.66 -0.29 35.91
C PRO H 53 25.05 -0.70 34.49
N GLU H 54 26.07 -1.55 34.39
CA GLU H 54 26.36 -2.26 33.17
C GLU H 54 25.82 -3.68 33.30
N HIS H 55 25.04 -4.12 32.32
CA HIS H 55 24.44 -5.44 32.38
C HIS H 55 24.48 -6.10 31.02
N SER H 56 24.75 -7.41 30.99
CA SER H 56 24.73 -8.15 29.74
C SER H 56 23.67 -9.25 29.78
N TYR H 57 23.08 -9.52 28.63
CA TYR H 57 22.06 -10.55 28.50
C TYR H 57 22.64 -11.77 27.82
N ASP H 58 22.36 -12.93 28.41
CA ASP H 58 22.91 -14.19 27.89
C ASP H 58 22.32 -14.52 26.53
N LYS H 59 21.04 -14.24 26.35
CA LYS H 59 20.29 -14.78 25.22
C LYS H 59 19.59 -13.66 24.46
N VAL H 60 19.52 -13.79 23.14
CA VAL H 60 18.74 -12.88 22.32
C VAL H 60 17.34 -12.73 22.89
N GLY H 61 16.74 -11.56 22.70
CA GLY H 61 15.35 -11.37 23.01
C GLY H 61 15.10 -9.90 23.19
N THR H 62 13.86 -9.56 23.52
CA THR H 62 13.54 -8.19 23.89
C THR H 62 13.06 -8.16 25.33
N TYR H 63 13.76 -7.38 26.16
CA TYR H 63 13.55 -7.42 27.58
C TYR H 63 12.93 -6.09 28.01
N THR H 64 12.06 -6.16 29.01
CA THR H 64 11.46 -4.98 29.59
C THR H 64 12.31 -4.57 30.76
N VAL H 65 12.84 -3.36 30.68
CA VAL H 65 13.71 -2.82 31.70
C VAL H 65 12.95 -1.79 32.52
N LYS H 66 12.95 -1.95 33.84
CA LYS H 66 12.31 -0.96 34.70
C LYS H 66 13.30 -0.23 35.58
N LEU H 67 13.02 1.04 35.84
CA LEU H 67 13.81 1.85 36.78
C LEU H 67 12.89 2.43 37.84
N LYS H 68 13.08 2.02 39.09
CA LYS H 68 12.40 2.68 40.21
C LYS H 68 13.34 3.68 40.91
N VAL H 69 12.94 4.94 41.00
CA VAL H 69 13.69 5.93 41.79
C VAL H 69 12.92 6.30 43.04
N THR H 70 13.64 6.44 44.15
CA THR H 70 13.04 6.77 45.44
C THR H 70 13.70 8.01 46.03
N ASP H 71 12.87 8.95 46.46
CA ASP H 71 13.36 10.19 47.01
C ASP H 71 13.56 10.16 48.53
N ASP H 72 14.02 11.27 49.07
CA ASP H 72 14.36 11.37 50.46
C ASP H 72 13.14 11.27 51.40
N LYS H 73 11.94 11.34 50.82
CA LYS H 73 10.70 11.17 51.59
C LYS H 73 10.22 9.74 51.51
N GLY H 74 11.01 8.89 50.86
CA GLY H 74 10.64 7.47 50.71
C GLY H 74 9.57 7.20 49.66
N GLU H 75 9.33 8.17 48.77
CA GLU H 75 8.32 7.98 47.72
C GLU H 75 8.93 7.77 46.36
N SER H 76 8.33 6.88 45.56
CA SER H 76 9.01 6.41 44.35
C SER H 76 8.16 6.58 43.08
N SER H 77 8.83 6.52 41.93
CA SER H 77 8.15 6.40 40.65
C SER H 77 8.92 5.44 39.76
N VAL H 78 8.22 4.88 38.77
CA VAL H 78 8.80 3.82 37.96
C VAL H 78 8.70 4.17 36.47
N SER H 79 9.81 4.04 35.75
CA SER H 79 9.78 4.19 34.29
C SER H 79 10.25 2.89 33.68
N THR H 80 9.96 2.71 32.40
CA THR H 80 10.30 1.47 31.72
C THR H 80 10.78 1.73 30.31
N THR H 81 11.49 0.75 29.75
CA THR H 81 11.83 0.80 28.36
C THR H 81 12.16 -0.65 27.96
N THR H 82 12.76 -0.83 26.79
CA THR H 82 13.10 -2.18 26.35
C THR H 82 14.58 -2.25 26.05
N ALA H 83 15.14 -3.45 26.15
CA ALA H 83 16.48 -3.71 25.65
C ALA H 83 16.35 -4.79 24.57
N GLU H 84 16.68 -4.43 23.35
CA GLU H 84 16.65 -5.39 22.26
C GLU H 84 18.00 -6.06 22.02
N ILE H 85 18.06 -7.37 22.25
CA ILE H 85 19.34 -8.09 22.20
C ILE H 85 19.33 -9.00 20.97
N LYS H 86 20.23 -8.71 20.03
CA LYS H 86 20.34 -9.49 18.78
C LYS H 86 21.54 -10.43 18.78
N ASP H 87 21.59 -11.30 17.78
CA ASP H 87 22.78 -12.09 17.50
C ASP H 87 24.04 -11.23 17.54
CA CA I . 0.32 -13.40 -2.60
CA CA J . -18.21 -13.82 -13.72
CA CA K . 4.23 -20.57 -12.64
CA CA L . -10.31 -8.21 -22.85
CA CA M . -3.52 38.69 -7.59
CA CA N . 18.74 31.61 -5.11
CA CA O . 12.09 16.45 23.12
CA CA P . 10.32 14.57 46.44
#